data_1IG5
# 
_entry.id   1IG5 
# 
_audit_conform.dict_name       mmcif_pdbx.dic 
_audit_conform.dict_version    5.386 
_audit_conform.dict_location   http://mmcif.pdb.org/dictionaries/ascii/mmcif_pdbx.dic 
# 
loop_
_database_2.database_id 
_database_2.database_code 
_database_2.pdbx_database_accession 
_database_2.pdbx_DOI 
PDB   1IG5         pdb_00001ig5 10.2210/pdb1ig5/pdb 
RCSB  RCSB013243   ?            ?                   
WWPDB D_1000013243 ?            ?                   
# 
loop_
_pdbx_audit_revision_history.ordinal 
_pdbx_audit_revision_history.data_content_type 
_pdbx_audit_revision_history.major_revision 
_pdbx_audit_revision_history.minor_revision 
_pdbx_audit_revision_history.revision_date 
1 'Structure model' 1 0 2001-04-25 
2 'Structure model' 1 1 2008-04-27 
3 'Structure model' 1 2 2011-07-13 
4 'Structure model' 1 3 2017-10-04 
5 'Structure model' 1 4 2024-02-07 
# 
_pdbx_audit_revision_details.ordinal             1 
_pdbx_audit_revision_details.revision_ordinal    1 
_pdbx_audit_revision_details.data_content_type   'Structure model' 
_pdbx_audit_revision_details.provider            repository 
_pdbx_audit_revision_details.type                'Initial release' 
_pdbx_audit_revision_details.description         ? 
_pdbx_audit_revision_details.details             ? 
# 
loop_
_pdbx_audit_revision_group.ordinal 
_pdbx_audit_revision_group.revision_ordinal 
_pdbx_audit_revision_group.data_content_type 
_pdbx_audit_revision_group.group 
1 2 'Structure model' 'Version format compliance' 
2 3 'Structure model' 'Version format compliance' 
3 4 'Structure model' 'Refinement description'    
4 5 'Structure model' 'Data collection'           
5 5 'Structure model' 'Database references'       
6 5 'Structure model' 'Derived calculations'      
# 
loop_
_pdbx_audit_revision_category.ordinal 
_pdbx_audit_revision_category.revision_ordinal 
_pdbx_audit_revision_category.data_content_type 
_pdbx_audit_revision_category.category 
1 4 'Structure model' software               
2 5 'Structure model' chem_comp_atom         
3 5 'Structure model' chem_comp_bond         
4 5 'Structure model' database_2             
5 5 'Structure model' pdbx_struct_conn_angle 
6 5 'Structure model' struct_conn            
7 5 'Structure model' struct_site            
# 
loop_
_pdbx_audit_revision_item.ordinal 
_pdbx_audit_revision_item.revision_ordinal 
_pdbx_audit_revision_item.data_content_type 
_pdbx_audit_revision_item.item 
1  5 'Structure model' '_database_2.pdbx_DOI'                        
2  5 'Structure model' '_database_2.pdbx_database_accession'         
3  5 'Structure model' '_pdbx_struct_conn_angle.ptnr1_auth_comp_id'  
4  5 'Structure model' '_pdbx_struct_conn_angle.ptnr1_auth_seq_id'   
5  5 'Structure model' '_pdbx_struct_conn_angle.ptnr1_label_asym_id' 
6  5 'Structure model' '_pdbx_struct_conn_angle.ptnr1_label_atom_id' 
7  5 'Structure model' '_pdbx_struct_conn_angle.ptnr1_label_comp_id' 
8  5 'Structure model' '_pdbx_struct_conn_angle.ptnr1_label_seq_id'  
9  5 'Structure model' '_pdbx_struct_conn_angle.ptnr3_auth_comp_id'  
10 5 'Structure model' '_pdbx_struct_conn_angle.ptnr3_auth_seq_id'   
11 5 'Structure model' '_pdbx_struct_conn_angle.ptnr3_label_asym_id' 
12 5 'Structure model' '_pdbx_struct_conn_angle.ptnr3_label_atom_id' 
13 5 'Structure model' '_pdbx_struct_conn_angle.ptnr3_label_comp_id' 
14 5 'Structure model' '_pdbx_struct_conn_angle.ptnr3_label_seq_id'  
15 5 'Structure model' '_pdbx_struct_conn_angle.value'               
16 5 'Structure model' '_struct_conn.pdbx_dist_value'                
17 5 'Structure model' '_struct_conn.ptnr1_auth_comp_id'             
18 5 'Structure model' '_struct_conn.ptnr1_auth_seq_id'              
19 5 'Structure model' '_struct_conn.ptnr1_label_asym_id'            
20 5 'Structure model' '_struct_conn.ptnr1_label_atom_id'            
21 5 'Structure model' '_struct_conn.ptnr1_label_comp_id'            
22 5 'Structure model' '_struct_conn.ptnr1_label_seq_id'             
23 5 'Structure model' '_struct_conn.ptnr2_auth_comp_id'             
24 5 'Structure model' '_struct_conn.ptnr2_auth_seq_id'              
25 5 'Structure model' '_struct_conn.ptnr2_label_asym_id'            
26 5 'Structure model' '_struct_conn.ptnr2_label_atom_id'            
27 5 'Structure model' '_struct_conn.ptnr2_label_comp_id'            
28 5 'Structure model' '_struct_conn.ptnr2_label_seq_id'             
29 5 'Structure model' '_struct_site.pdbx_auth_asym_id'              
30 5 'Structure model' '_struct_site.pdbx_auth_comp_id'              
31 5 'Structure model' '_struct_site.pdbx_auth_seq_id'               
# 
_pdbx_database_PDB_obs_spr.id               SPRSDE 
_pdbx_database_PDB_obs_spr.date             2001-04-25 
_pdbx_database_PDB_obs_spr.pdb_id           1IG5 
_pdbx_database_PDB_obs_spr.replace_pdb_id   5ICB 
_pdbx_database_PDB_obs_spr.details          ? 
# 
_pdbx_database_status.status_code                     REL 
_pdbx_database_status.entry_id                        1IG5 
_pdbx_database_status.recvd_initial_deposition_date   2001-04-17 
_pdbx_database_status.deposit_site                    RCSB 
_pdbx_database_status.process_site                    RCSB 
_pdbx_database_status.status_code_sf                  REL 
_pdbx_database_status.SG_entry                        . 
_pdbx_database_status.pdb_format_compatible           Y 
_pdbx_database_status.status_code_mr                  ? 
_pdbx_database_status.status_code_cs                  ? 
_pdbx_database_status.methods_development_category    ? 
_pdbx_database_status.status_code_nmr_data            ? 
# 
loop_
_pdbx_database_related.db_name 
_pdbx_database_related.db_id 
_pdbx_database_related.details 
_pdbx_database_related.content_type 
PDB 3icb 'refined structure of vitamin D-dependent calcium-binding protein from bovine intestine' unspecified 
PDB 4icb 'Proline cis-trans isomers in calbindin D9k observed by X-ray crystallography'           unspecified 
PDB 1IGV 'Bovine Calbindin D9K Binding Mn2+'                                                      unspecified 
PDB 1clb 'Determination of the solution structure of Apo calbindin D9k by NMR spectroscopy'       unspecified 
# 
loop_
_audit_author.name 
_audit_author.pdbx_ordinal 
'Andersson, E.M.' 1 
'Svensson, L.A.'  2 
# 
_citation.id                        primary 
_citation.title                     
'Structural basis for the negative allostery between Ca(2+)- and Mg(2+)-binding in the intracellular Ca(2+)-receptor calbindin D9k.' 
_citation.journal_abbrev            'Protein Sci.' 
_citation.journal_volume            6 
_citation.page_first                1139 
_citation.page_last                 1147 
_citation.year                      1997 
_citation.journal_id_ASTM           PRCIEI 
_citation.country                   US 
_citation.journal_id_ISSN           0961-8368 
_citation.journal_id_CSD            0795 
_citation.book_publisher            ? 
_citation.pdbx_database_id_PubMed   9194174 
_citation.pdbx_database_id_DOI      ? 
# 
loop_
_citation_author.citation_id 
_citation_author.name 
_citation_author.ordinal 
_citation_author.identifier_ORCID 
primary 'Andersson, M.'  1 ? 
primary 'Malmendal, A.'  2 ? 
primary 'Linse, S.'      3 ? 
primary 'Ivarsson, I.'   4 ? 
primary 'Forsen, S.'     5 ? 
primary 'Svensson, L.A.' 6 ? 
# 
loop_
_entity.id 
_entity.type 
_entity.src_method 
_entity.pdbx_description 
_entity.formula_weight 
_entity.pdbx_number_of_molecules 
_entity.pdbx_ec 
_entity.pdbx_mutation 
_entity.pdbx_fragment 
_entity.details 
1 polymer     man 'VITAMIN D-DEPENDENT CALCIUM-BINDING PROTEIN, INTESTINAL' 8510.556 1  ? ? ? ? 
2 non-polymer syn 'MAGNESIUM ION'                                           24.305   1  ? ? ? ? 
3 water       nat water                                                     18.015   50 ? ? ? ? 
# 
_entity_name_com.entity_id   1 
_entity_name_com.name        'CALBINDIN D9K' 
# 
_entity_poly.entity_id                      1 
_entity_poly.type                           'polypeptide(L)' 
_entity_poly.nstd_linkage                   no 
_entity_poly.nstd_monomer                   no 
_entity_poly.pdbx_seq_one_letter_code       KSPEELKGIFEKYAAKEGDPNQLSKEELKLLLQTEFPSLLKGPSTLDELFEELDKNGDGEVSFEEFQVLVKKISQ 
_entity_poly.pdbx_seq_one_letter_code_can   KSPEELKGIFEKYAAKEGDPNQLSKEELKLLLQTEFPSLLKGPSTLDELFEELDKNGDGEVSFEEFQVLVKKISQ 
_entity_poly.pdbx_strand_id                 A 
_entity_poly.pdbx_target_identifier         ? 
# 
loop_
_pdbx_entity_nonpoly.entity_id 
_pdbx_entity_nonpoly.name 
_pdbx_entity_nonpoly.comp_id 
2 'MAGNESIUM ION' MG  
3 water           HOH 
# 
loop_
_entity_poly_seq.entity_id 
_entity_poly_seq.num 
_entity_poly_seq.mon_id 
_entity_poly_seq.hetero 
1 1  LYS n 
1 2  SER n 
1 3  PRO n 
1 4  GLU n 
1 5  GLU n 
1 6  LEU n 
1 7  LYS n 
1 8  GLY n 
1 9  ILE n 
1 10 PHE n 
1 11 GLU n 
1 12 LYS n 
1 13 TYR n 
1 14 ALA n 
1 15 ALA n 
1 16 LYS n 
1 17 GLU n 
1 18 GLY n 
1 19 ASP n 
1 20 PRO n 
1 21 ASN n 
1 22 GLN n 
1 23 LEU n 
1 24 SER n 
1 25 LYS n 
1 26 GLU n 
1 27 GLU n 
1 28 LEU n 
1 29 LYS n 
1 30 LEU n 
1 31 LEU n 
1 32 LEU n 
1 33 GLN n 
1 34 THR n 
1 35 GLU n 
1 36 PHE n 
1 37 PRO n 
1 38 SER n 
1 39 LEU n 
1 40 LEU n 
1 41 LYS n 
1 42 GLY n 
1 43 PRO n 
1 44 SER n 
1 45 THR n 
1 46 LEU n 
1 47 ASP n 
1 48 GLU n 
1 49 LEU n 
1 50 PHE n 
1 51 GLU n 
1 52 GLU n 
1 53 LEU n 
1 54 ASP n 
1 55 LYS n 
1 56 ASN n 
1 57 GLY n 
1 58 ASP n 
1 59 GLY n 
1 60 GLU n 
1 61 VAL n 
1 62 SER n 
1 63 PHE n 
1 64 GLU n 
1 65 GLU n 
1 66 PHE n 
1 67 GLN n 
1 68 VAL n 
1 69 LEU n 
1 70 VAL n 
1 71 LYS n 
1 72 LYS n 
1 73 ILE n 
1 74 SER n 
1 75 GLN n 
# 
_entity_src_gen.entity_id                          1 
_entity_src_gen.pdbx_src_id                        1 
_entity_src_gen.pdbx_alt_source_flag               sample 
_entity_src_gen.pdbx_seq_type                      ? 
_entity_src_gen.pdbx_beg_seq_num                   ? 
_entity_src_gen.pdbx_end_seq_num                   ? 
_entity_src_gen.gene_src_common_name               cattle 
_entity_src_gen.gene_src_genus                     Bos 
_entity_src_gen.pdbx_gene_src_gene                 'synthetic gene' 
_entity_src_gen.gene_src_species                   ? 
_entity_src_gen.gene_src_strain                    ? 
_entity_src_gen.gene_src_tissue                    ? 
_entity_src_gen.gene_src_tissue_fraction           ? 
_entity_src_gen.gene_src_details                   ? 
_entity_src_gen.pdbx_gene_src_fragment             ? 
_entity_src_gen.pdbx_gene_src_scientific_name      'Bos taurus' 
_entity_src_gen.pdbx_gene_src_ncbi_taxonomy_id     9913 
_entity_src_gen.pdbx_gene_src_variant              ? 
_entity_src_gen.pdbx_gene_src_cell_line            ? 
_entity_src_gen.pdbx_gene_src_atcc                 ? 
_entity_src_gen.pdbx_gene_src_organ                ? 
_entity_src_gen.pdbx_gene_src_organelle            ? 
_entity_src_gen.pdbx_gene_src_cell                 ? 
_entity_src_gen.pdbx_gene_src_cellular_location    ? 
_entity_src_gen.host_org_common_name               ? 
_entity_src_gen.pdbx_host_org_scientific_name      'Escherichia coli' 
_entity_src_gen.pdbx_host_org_ncbi_taxonomy_id     562 
_entity_src_gen.host_org_genus                     Escherichia 
_entity_src_gen.pdbx_host_org_gene                 ? 
_entity_src_gen.pdbx_host_org_organ                ? 
_entity_src_gen.host_org_species                   ? 
_entity_src_gen.pdbx_host_org_tissue               ? 
_entity_src_gen.pdbx_host_org_tissue_fraction      ? 
_entity_src_gen.pdbx_host_org_strain               MM294 
_entity_src_gen.pdbx_host_org_variant              ? 
_entity_src_gen.pdbx_host_org_cell_line            ? 
_entity_src_gen.pdbx_host_org_atcc                 ? 
_entity_src_gen.pdbx_host_org_culture_collection   ? 
_entity_src_gen.pdbx_host_org_cell                 ? 
_entity_src_gen.pdbx_host_org_organelle            ? 
_entity_src_gen.pdbx_host_org_cellular_location    ? 
_entity_src_gen.pdbx_host_org_vector_type          plasmid 
_entity_src_gen.pdbx_host_org_vector               ? 
_entity_src_gen.host_org_details                   ? 
_entity_src_gen.expression_system_id               ? 
_entity_src_gen.plasmid_name                       picb1 
_entity_src_gen.plasmid_details                    ? 
_entity_src_gen.pdbx_description                   ? 
# 
loop_
_chem_comp.id 
_chem_comp.type 
_chem_comp.mon_nstd_flag 
_chem_comp.name 
_chem_comp.pdbx_synonyms 
_chem_comp.formula 
_chem_comp.formula_weight 
ALA 'L-peptide linking' y ALANINE         ? 'C3 H7 N O2'     89.093  
ASN 'L-peptide linking' y ASPARAGINE      ? 'C4 H8 N2 O3'    132.118 
ASP 'L-peptide linking' y 'ASPARTIC ACID' ? 'C4 H7 N O4'     133.103 
GLN 'L-peptide linking' y GLUTAMINE       ? 'C5 H10 N2 O3'   146.144 
GLU 'L-peptide linking' y 'GLUTAMIC ACID' ? 'C5 H9 N O4'     147.129 
GLY 'peptide linking'   y GLYCINE         ? 'C2 H5 N O2'     75.067  
HOH non-polymer         . WATER           ? 'H2 O'           18.015  
ILE 'L-peptide linking' y ISOLEUCINE      ? 'C6 H13 N O2'    131.173 
LEU 'L-peptide linking' y LEUCINE         ? 'C6 H13 N O2'    131.173 
LYS 'L-peptide linking' y LYSINE          ? 'C6 H15 N2 O2 1' 147.195 
MG  non-polymer         . 'MAGNESIUM ION' ? 'Mg 2'           24.305  
PHE 'L-peptide linking' y PHENYLALANINE   ? 'C9 H11 N O2'    165.189 
PRO 'L-peptide linking' y PROLINE         ? 'C5 H9 N O2'     115.130 
SER 'L-peptide linking' y SERINE          ? 'C3 H7 N O3'     105.093 
THR 'L-peptide linking' y THREONINE       ? 'C4 H9 N O3'     119.119 
TYR 'L-peptide linking' y TYROSINE        ? 'C9 H11 N O3'    181.189 
VAL 'L-peptide linking' y VALINE          ? 'C5 H11 N O2'    117.146 
# 
loop_
_pdbx_poly_seq_scheme.asym_id 
_pdbx_poly_seq_scheme.entity_id 
_pdbx_poly_seq_scheme.seq_id 
_pdbx_poly_seq_scheme.mon_id 
_pdbx_poly_seq_scheme.ndb_seq_num 
_pdbx_poly_seq_scheme.pdb_seq_num 
_pdbx_poly_seq_scheme.auth_seq_num 
_pdbx_poly_seq_scheme.pdb_mon_id 
_pdbx_poly_seq_scheme.auth_mon_id 
_pdbx_poly_seq_scheme.pdb_strand_id 
_pdbx_poly_seq_scheme.pdb_ins_code 
_pdbx_poly_seq_scheme.hetero 
A 1 1  LYS 1  1  1  LYS LYS A . n 
A 1 2  SER 2  2  2  SER SER A . n 
A 1 3  PRO 3  3  3  PRO PRO A . n 
A 1 4  GLU 4  4  4  GLU GLU A . n 
A 1 5  GLU 5  5  5  GLU GLU A . n 
A 1 6  LEU 6  6  6  LEU LEU A . n 
A 1 7  LYS 7  7  7  LYS LYS A . n 
A 1 8  GLY 8  8  8  GLY GLY A . n 
A 1 9  ILE 9  9  9  ILE ILE A . n 
A 1 10 PHE 10 10 10 PHE PHE A . n 
A 1 11 GLU 11 11 11 GLU GLU A . n 
A 1 12 LYS 12 12 12 LYS LYS A . n 
A 1 13 TYR 13 13 13 TYR TYR A . n 
A 1 14 ALA 14 14 14 ALA ALA A . n 
A 1 15 ALA 15 15 15 ALA ALA A . n 
A 1 16 LYS 16 16 16 LYS LYS A . n 
A 1 17 GLU 17 17 17 GLU GLU A . n 
A 1 18 GLY 18 18 18 GLY GLY A . n 
A 1 19 ASP 19 19 19 ASP ASP A . n 
A 1 20 PRO 20 20 20 PRO PRO A . n 
A 1 21 ASN 21 21 21 ASN ASN A . n 
A 1 22 GLN 22 22 22 GLN GLN A . n 
A 1 23 LEU 23 23 23 LEU LEU A . n 
A 1 24 SER 24 24 24 SER SER A . n 
A 1 25 LYS 25 25 25 LYS LYS A . n 
A 1 26 GLU 26 26 26 GLU GLU A . n 
A 1 27 GLU 27 27 27 GLU GLU A . n 
A 1 28 LEU 28 28 28 LEU LEU A . n 
A 1 29 LYS 29 29 29 LYS LYS A . n 
A 1 30 LEU 30 30 30 LEU LEU A . n 
A 1 31 LEU 31 31 31 LEU LEU A . n 
A 1 32 LEU 32 32 32 LEU LEU A . n 
A 1 33 GLN 33 33 33 GLN GLN A . n 
A 1 34 THR 34 34 34 THR THR A . n 
A 1 35 GLU 35 35 35 GLU GLU A . n 
A 1 36 PHE 36 36 36 PHE PHE A . n 
A 1 37 PRO 37 37 37 PRO PRO A . n 
A 1 38 SER 38 38 38 SER SER A . n 
A 1 39 LEU 39 39 39 LEU LEU A . n 
A 1 40 LEU 40 40 40 LEU LEU A . n 
A 1 41 LYS 41 41 41 LYS LYS A . n 
A 1 42 GLY 42 42 42 GLY GLY A . n 
A 1 43 PRO 43 43 43 PRO PRO A . n 
A 1 44 SER 44 44 44 SER SER A . n 
A 1 45 THR 45 45 45 THR THR A . n 
A 1 46 LEU 46 46 46 LEU LEU A . n 
A 1 47 ASP 47 47 47 ASP ASP A . n 
A 1 48 GLU 48 48 48 GLU GLU A . n 
A 1 49 LEU 49 49 49 LEU LEU A . n 
A 1 50 PHE 50 50 50 PHE PHE A . n 
A 1 51 GLU 51 51 51 GLU ALA A . n 
A 1 52 GLU 52 52 52 GLU GLU A . n 
A 1 53 LEU 53 53 53 LEU LEU A . n 
A 1 54 ASP 54 54 54 ASP ASP A . n 
A 1 55 LYS 55 55 55 LYS LYS A . n 
A 1 56 ASN 56 56 56 ASN ASN A . n 
A 1 57 GLY 57 57 57 GLY GLY A . n 
A 1 58 ASP 58 58 58 ASP ASP A . n 
A 1 59 GLY 59 59 59 GLY GLY A . n 
A 1 60 GLU 60 60 60 GLU GLU A . n 
A 1 61 VAL 61 61 61 VAL VAL A . n 
A 1 62 SER 62 62 62 SER SER A . n 
A 1 63 PHE 63 63 63 PHE PHE A . n 
A 1 64 GLU 64 64 64 GLU GLU A . n 
A 1 65 GLU 65 65 65 GLU GLU A . n 
A 1 66 PHE 66 66 66 PHE PHE A . n 
A 1 67 GLN 67 67 67 GLN GLN A . n 
A 1 68 VAL 68 68 68 VAL VAL A . n 
A 1 69 LEU 69 69 69 LEU LEU A . n 
A 1 70 VAL 70 70 70 VAL VAL A . n 
A 1 71 LYS 71 71 71 LYS LYS A . n 
A 1 72 LYS 72 72 72 LYS LYS A . n 
A 1 73 ILE 73 73 73 ILE ILE A . n 
A 1 74 SER 74 74 74 SER SER A . n 
A 1 75 GLN 75 75 75 GLN GLN A . n 
# 
loop_
_pdbx_nonpoly_scheme.asym_id 
_pdbx_nonpoly_scheme.entity_id 
_pdbx_nonpoly_scheme.mon_id 
_pdbx_nonpoly_scheme.ndb_seq_num 
_pdbx_nonpoly_scheme.pdb_seq_num 
_pdbx_nonpoly_scheme.auth_seq_num 
_pdbx_nonpoly_scheme.pdb_mon_id 
_pdbx_nonpoly_scheme.auth_mon_id 
_pdbx_nonpoly_scheme.pdb_strand_id 
_pdbx_nonpoly_scheme.pdb_ins_code 
B 2 MG  1  78  78  MG  MG  A . 
C 3 HOH 1  100 100 HOH HOH A . 
C 3 HOH 2  101 101 HOH HOH A . 
C 3 HOH 3  102 102 HOH HOH A . 
C 3 HOH 4  103 103 HOH HOH A . 
C 3 HOH 5  104 104 HOH HOH A . 
C 3 HOH 6  105 105 HOH HOH A . 
C 3 HOH 7  106 106 HOH HOH A . 
C 3 HOH 8  107 107 HOH HOH A . 
C 3 HOH 9  108 108 HOH HOH A . 
C 3 HOH 10 109 109 HOH HOH A . 
C 3 HOH 11 110 110 HOH HOH A . 
C 3 HOH 12 111 111 HOH HOH A . 
C 3 HOH 13 112 112 HOH HOH A . 
C 3 HOH 14 113 113 HOH HOH A . 
C 3 HOH 15 114 114 HOH HOH A . 
C 3 HOH 16 115 115 HOH HOH A . 
C 3 HOH 17 116 116 HOH HOH A . 
C 3 HOH 18 117 117 HOH HOH A . 
C 3 HOH 19 118 118 HOH HOH A . 
C 3 HOH 20 119 119 HOH HOH A . 
C 3 HOH 21 120 120 HOH HOH A . 
C 3 HOH 22 121 121 HOH HOH A . 
C 3 HOH 23 122 122 HOH HOH A . 
C 3 HOH 24 123 123 HOH HOH A . 
C 3 HOH 25 124 124 HOH HOH A . 
C 3 HOH 26 125 125 HOH HOH A . 
C 3 HOH 27 126 126 HOH HOH A . 
C 3 HOH 28 127 127 HOH HOH A . 
C 3 HOH 29 128 128 HOH HOH A . 
C 3 HOH 30 129 129 HOH HOH A . 
C 3 HOH 31 130 130 HOH HOH A . 
C 3 HOH 32 131 131 HOH HOH A . 
C 3 HOH 33 132 132 HOH HOH A . 
C 3 HOH 34 133 133 HOH HOH A . 
C 3 HOH 35 134 134 HOH HOH A . 
C 3 HOH 36 135 135 HOH HOH A . 
C 3 HOH 37 136 136 HOH HOH A . 
C 3 HOH 38 137 137 HOH HOH A . 
C 3 HOH 39 138 138 HOH HOH A . 
C 3 HOH 40 139 139 HOH HOH A . 
C 3 HOH 41 140 140 HOH HOH A . 
C 3 HOH 42 141 141 HOH HOH A . 
C 3 HOH 43 142 142 HOH HOH A . 
C 3 HOH 44 143 143 HOH HOH A . 
C 3 HOH 45 144 144 HOH HOH A . 
C 3 HOH 46 145 145 HOH HOH A . 
C 3 HOH 47 146 146 HOH HOH A . 
C 3 HOH 48 147 147 HOH HOH A . 
C 3 HOH 49 148 148 HOH HOH A . 
C 3 HOH 50 149 149 HOH HOH A . 
# 
loop_
_pdbx_unobs_or_zero_occ_atoms.id 
_pdbx_unobs_or_zero_occ_atoms.PDB_model_num 
_pdbx_unobs_or_zero_occ_atoms.polymer_flag 
_pdbx_unobs_or_zero_occ_atoms.occupancy_flag 
_pdbx_unobs_or_zero_occ_atoms.auth_asym_id 
_pdbx_unobs_or_zero_occ_atoms.auth_comp_id 
_pdbx_unobs_or_zero_occ_atoms.auth_seq_id 
_pdbx_unobs_or_zero_occ_atoms.PDB_ins_code 
_pdbx_unobs_or_zero_occ_atoms.auth_atom_id 
_pdbx_unobs_or_zero_occ_atoms.label_alt_id 
_pdbx_unobs_or_zero_occ_atoms.label_asym_id 
_pdbx_unobs_or_zero_occ_atoms.label_comp_id 
_pdbx_unobs_or_zero_occ_atoms.label_seq_id 
_pdbx_unobs_or_zero_occ_atoms.label_atom_id 
1 1 Y 1 A GLU 51 ? CG  ? A GLU 51 CG  
2 1 Y 1 A GLU 51 ? CD  ? A GLU 51 CD  
3 1 Y 1 A GLU 51 ? OE1 ? A GLU 51 OE1 
4 1 Y 1 A GLU 51 ? OE2 ? A GLU 51 OE2 
# 
loop_
_software.name 
_software.classification 
_software.version 
_software.citation_id 
_software.pdbx_ordinal 
MLPHARE phasing          .     ? 1 
X-PLOR  refinement       3.851 ? 2 
XDS     'data reduction' .     ? 3 
XSCALE  'data scaling'   .     ? 4 
# 
_cell.entry_id           1IG5 
_cell.length_a           33.730 
_cell.length_b           33.730 
_cell.length_c           129.470 
_cell.angle_alpha        90.00 
_cell.angle_beta         90.00 
_cell.angle_gamma        90.00 
_cell.Z_PDB              8 
_cell.pdbx_unique_axis   ? 
# 
_symmetry.entry_id                         1IG5 
_symmetry.space_group_name_H-M             'P 43 21 2' 
_symmetry.pdbx_full_space_group_name_H-M   ? 
_symmetry.cell_setting                     ? 
_symmetry.Int_Tables_number                96 
# 
_exptl.entry_id          1IG5 
_exptl.method            'X-RAY DIFFRACTION' 
_exptl.crystals_number   2 
# 
_exptl_crystal.id                    1 
_exptl_crystal.density_meas          ? 
_exptl_crystal.density_Matthews      2.16 
_exptl_crystal.density_percent_sol   43. 
_exptl_crystal.description           ? 
# 
_exptl_crystal_grow.crystal_id      1 
_exptl_crystal_grow.method          EVAPORATION 
_exptl_crystal_grow.temp            298 
_exptl_crystal_grow.temp_details    ? 
_exptl_crystal_grow.pH              6.4 
_exptl_crystal_grow.pdbx_details    '3M ammonium sulphate, 100 mM magnesium chloride, pH 6.4, EVAPORATION, temperature 298K' 
_exptl_crystal_grow.pdbx_pH_range   . 
# 
_diffrn.id                     1 
_diffrn.ambient_temp           295 
_diffrn.ambient_temp_details   ? 
_diffrn.crystal_id             1 
# 
_diffrn_detector.diffrn_id              1 
_diffrn_detector.detector               'AREA DETECTOR' 
_diffrn_detector.type                   SIEMENS 
_diffrn_detector.pdbx_collection_date   1994-11-10 
_diffrn_detector.details                COLLIMATOR 
# 
_diffrn_radiation.diffrn_id                        1 
_diffrn_radiation.wavelength_id                    1 
_diffrn_radiation.pdbx_monochromatic_or_laue_m_l   M 
_diffrn_radiation.monochromator                    'SI(111)' 
_diffrn_radiation.pdbx_diffrn_protocol             'SINGLE WAVELENGTH' 
_diffrn_radiation.pdbx_scattering_type             x-ray 
# 
_diffrn_radiation_wavelength.id           1 
_diffrn_radiation_wavelength.wavelength   1.5418 
_diffrn_radiation_wavelength.wt           1.0 
# 
_diffrn_source.diffrn_id                   1 
_diffrn_source.source                      'ROTATING ANODE' 
_diffrn_source.type                        'RIGAKU RU200' 
_diffrn_source.pdbx_synchrotron_site       ? 
_diffrn_source.pdbx_synchrotron_beamline   ? 
_diffrn_source.pdbx_wavelength             1.5418 
_diffrn_source.pdbx_wavelength_list        ? 
# 
_reflns.entry_id                     1IG5 
_reflns.observed_criterion_sigma_I   0. 
_reflns.observed_criterion_sigma_F   0 
_reflns.d_resolution_low             22.3 
_reflns.d_resolution_high            1.50 
_reflns.number_obs                   11090 
_reflns.number_all                   ? 
_reflns.percent_possible_obs         81. 
_reflns.pdbx_Rmerge_I_obs            0.0750000 
_reflns.pdbx_Rsym_value              ? 
_reflns.pdbx_netI_over_sigmaI        14. 
_reflns.B_iso_Wilson_estimate        22.8 
_reflns.pdbx_redundancy              4.9 
_reflns.R_free_details               ? 
_reflns.limit_h_max                  ? 
_reflns.limit_h_min                  ? 
_reflns.limit_k_max                  ? 
_reflns.limit_k_min                  ? 
_reflns.limit_l_max                  ? 
_reflns.limit_l_min                  ? 
_reflns.observed_criterion_F_max     ? 
_reflns.observed_criterion_F_min     ? 
_reflns.pdbx_diffrn_id               1 
_reflns.pdbx_ordinal                 1 
# 
_reflns_shell.d_res_high             1.5 
_reflns_shell.d_res_low              1.7 
_reflns_shell.percent_possible_all   58. 
_reflns_shell.Rmerge_I_obs           ? 
_reflns_shell.pdbx_Rsym_value        0.2100000 
_reflns_shell.meanI_over_sigI_obs    ? 
_reflns_shell.pdbx_redundancy        2.9 
_reflns_shell.percent_possible_obs   ? 
_reflns_shell.number_unique_all      ? 
_reflns_shell.pdbx_diffrn_id         ? 
_reflns_shell.pdbx_ordinal           1 
# 
_refine.entry_id                                 1IG5 
_refine.ls_number_reflns_obs                     8452 
_refine.ls_number_reflns_all                     ? 
_refine.pdbx_ls_sigma_I                          0 
_refine.pdbx_ls_sigma_F                          2.0 
_refine.pdbx_data_cutoff_high_absF               950202 
_refine.pdbx_data_cutoff_low_absF                0.0 
_refine.ls_d_res_low                             10.00 
_refine.ls_d_res_high                            1.50 
_refine.ls_percent_reflns_obs                    66.3 
_refine.ls_R_factor_obs                          0.1960000 
_refine.ls_R_factor_all                          ? 
_refine.ls_R_factor_R_work                       0.1960000 
_refine.ls_R_factor_R_free                       0.2850000 
_refine.ls_R_factor_R_free_error                 0.010 
_refine.ls_R_factor_R_free_error_details         ? 
_refine.ls_percent_reflns_R_free                 10.4 
_refine.ls_number_reflns_R_free                  882 
_refine.ls_number_parameters                     ? 
_refine.ls_number_restraints                     ? 
_refine.occupancy_min                            ? 
_refine.occupancy_max                            ? 
_refine.B_iso_mean                               25.5 
_refine.aniso_B[1][1]                            ? 
_refine.aniso_B[2][2]                            ? 
_refine.aniso_B[3][3]                            ? 
_refine.aniso_B[1][2]                            ? 
_refine.aniso_B[1][3]                            ? 
_refine.aniso_B[2][3]                            ? 
_refine.solvent_model_details                    ? 
_refine.solvent_model_param_ksol                 ? 
_refine.solvent_model_param_bsol                 ? 
_refine.pdbx_ls_cross_valid_method               THROUGHOUT 
_refine.details                                  ? 
_refine.pdbx_starting_model                      ? 
_refine.pdbx_method_to_determine_struct          'MULTIPLE ISOMORPHOUS REPLACEMENT' 
_refine.pdbx_isotropic_thermal_model             RESTRAINED 
_refine.pdbx_stereochemistry_target_values       ? 
_refine.pdbx_stereochem_target_val_spec_case     ? 
_refine.pdbx_R_Free_selection_details            RANDOM 
_refine.pdbx_overall_ESU_R_Free                  ? 
_refine.overall_SU_B                             ? 
_refine.ls_redundancy_reflns_obs                 ? 
_refine.B_iso_min                                ? 
_refine.B_iso_max                                ? 
_refine.correlation_coeff_Fo_to_Fc               ? 
_refine.correlation_coeff_Fo_to_Fc_free          ? 
_refine.overall_SU_R_Cruickshank_DPI             ? 
_refine.overall_SU_R_free                        ? 
_refine.overall_SU_ML                            ? 
_refine.pdbx_overall_ESU_R                       ? 
_refine.pdbx_data_cutoff_high_rms_absF           ? 
_refine.pdbx_refine_id                           'X-RAY DIFFRACTION' 
_refine.pdbx_diffrn_id                           1 
_refine.pdbx_TLS_residual_ADP_flag               ? 
_refine.pdbx_solvent_vdw_probe_radii             ? 
_refine.pdbx_solvent_ion_probe_radii             ? 
_refine.pdbx_solvent_shrinkage_radii             ? 
_refine.pdbx_overall_phase_error                 ? 
_refine.pdbx_overall_SU_R_free_Cruickshank_DPI   ? 
_refine.pdbx_overall_SU_R_Blow_DPI               ? 
_refine.pdbx_overall_SU_R_free_Blow_DPI          ? 
# 
_refine_analyze.entry_id                        1IG5 
_refine_analyze.Luzzati_coordinate_error_obs    0.22 
_refine_analyze.Luzzati_sigma_a_obs             0.19 
_refine_analyze.Luzzati_d_res_low_obs           5.0 
_refine_analyze.Luzzati_coordinate_error_free   0.29 
_refine_analyze.Luzzati_sigma_a_free            0.16 
_refine_analyze.Luzzati_d_res_low_free          ? 
_refine_analyze.number_disordered_residues      ? 
_refine_analyze.occupancy_sum_hydrogen          ? 
_refine_analyze.occupancy_sum_non_hydrogen      ? 
_refine_analyze.pdbx_Luzzati_d_res_high_obs     ? 
_refine_analyze.pdbx_refine_id                  'X-RAY DIFFRACTION' 
# 
_refine_hist.pdbx_refine_id                   'X-RAY DIFFRACTION' 
_refine_hist.cycle_id                         LAST 
_refine_hist.pdbx_number_atoms_protein        596 
_refine_hist.pdbx_number_atoms_nucleic_acid   0 
_refine_hist.pdbx_number_atoms_ligand         1 
_refine_hist.number_atoms_solvent             50 
_refine_hist.number_atoms_total               647 
_refine_hist.d_res_high                       1.50 
_refine_hist.d_res_low                        10.00 
# 
loop_
_refine_ls_restr.type 
_refine_ls_restr.dev_ideal 
_refine_ls_restr.dev_ideal_target 
_refine_ls_restr.weight 
_refine_ls_restr.number 
_refine_ls_restr.pdbx_refine_id 
_refine_ls_restr.pdbx_restraint_function 
x_bond_d           0.020 ?    ? ? 'X-RAY DIFFRACTION' ? 
x_angle_deg        1.9   ?    ? ? 'X-RAY DIFFRACTION' ? 
x_dihedral_angle_d 21.6  ?    ? ? 'X-RAY DIFFRACTION' ? 
x_improper_angle_d 1.75  ?    ? ? 'X-RAY DIFFRACTION' ? 
x_mcbond_it        1.84  1.50 ? ? 'X-RAY DIFFRACTION' ? 
x_mcangle_it       2.92  2.00 ? ? 'X-RAY DIFFRACTION' ? 
x_scbond_it        3.35  2.00 ? ? 'X-RAY DIFFRACTION' ? 
x_scangle_it       5.27  2.50 ? ? 'X-RAY DIFFRACTION' ? 
# 
_refine_ls_shell.pdbx_total_number_of_bins_used   6 
_refine_ls_shell.d_res_high                       1.50 
_refine_ls_shell.d_res_low                        1.59 
_refine_ls_shell.number_reflns_R_work             446 
_refine_ls_shell.R_factor_R_work                  0.2820000 
_refine_ls_shell.percent_reflns_obs               24.0 
_refine_ls_shell.R_factor_R_free                  0.3370000 
_refine_ls_shell.R_factor_R_free_error            0.047 
_refine_ls_shell.percent_reflns_R_free            10.4 
_refine_ls_shell.number_reflns_R_free             52 
_refine_ls_shell.number_reflns_obs                498 
_refine_ls_shell.redundancy_reflns_obs            ? 
_refine_ls_shell.number_reflns_all                ? 
_refine_ls_shell.pdbx_refine_id                   'X-RAY DIFFRACTION' 
_refine_ls_shell.R_factor_all                     ? 
# 
loop_
_pdbx_xplor_file.serial_no 
_pdbx_xplor_file.param_file 
_pdbx_xplor_file.topol_file 
_pdbx_xplor_file.pdbx_refine_id 
1 PARHCSDX.PRO TOPHCSDX.PRO   'X-RAY DIFFRACTION' 
2 PARAM19.SOL  TOPH19_MOD.SOL 'X-RAY DIFFRACTION' 
3 PARAM_MG.ION TOPH19.ION     'X-RAY DIFFRACTION' 
# 
_struct.entry_id                  1IG5 
_struct.title                     'BOVINE CALBINDIN D9K BINDING MG2+' 
_struct.pdbx_model_details        ? 
_struct.pdbx_CASP_flag            ? 
_struct.pdbx_model_type_details   ? 
# 
_struct_keywords.entry_id        1IG5 
_struct_keywords.pdbx_keywords   'METAL BINDING PROTEIN' 
_struct_keywords.text            'CALCIUM-BINDING PROTEIN, EF-HAND, MAGNESIUM BINDING, METAL BINDING PROTEIN' 
# 
loop_
_struct_asym.id 
_struct_asym.pdbx_blank_PDB_chainid_flag 
_struct_asym.pdbx_modified 
_struct_asym.entity_id 
_struct_asym.details 
A N N 1 ? 
B N N 2 ? 
C N N 3 ? 
# 
_struct_ref.id                         1 
_struct_ref.db_name                    UNP 
_struct_ref.db_code                    S100G_BOVIN 
_struct_ref.entity_id                  1 
_struct_ref.pdbx_db_accession          P02633 
_struct_ref.pdbx_seq_one_letter_code   KSPEELKGIFEKYAAKEGDPNQLSKEELKLLLQTEFPSLLKGPSTLDELFEELDKNGDGEVSFEEFQVLVKKISQ 
_struct_ref.pdbx_align_begin           4 
_struct_ref.pdbx_db_isoform            ? 
# 
_struct_ref_seq.align_id                      1 
_struct_ref_seq.ref_id                        1 
_struct_ref_seq.pdbx_PDB_id_code              1IG5 
_struct_ref_seq.pdbx_strand_id                A 
_struct_ref_seq.seq_align_beg                 1 
_struct_ref_seq.pdbx_seq_align_beg_ins_code   ? 
_struct_ref_seq.seq_align_end                 75 
_struct_ref_seq.pdbx_seq_align_end_ins_code   ? 
_struct_ref_seq.pdbx_db_accession             P02633 
_struct_ref_seq.db_align_beg                  4 
_struct_ref_seq.pdbx_db_align_beg_ins_code    ? 
_struct_ref_seq.db_align_end                  78 
_struct_ref_seq.pdbx_db_align_end_ins_code    ? 
_struct_ref_seq.pdbx_auth_seq_align_beg       1 
_struct_ref_seq.pdbx_auth_seq_align_end       75 
# 
_pdbx_struct_assembly.id                   1 
_pdbx_struct_assembly.details              author_defined_assembly 
_pdbx_struct_assembly.method_details       ? 
_pdbx_struct_assembly.oligomeric_details   monomeric 
_pdbx_struct_assembly.oligomeric_count     1 
# 
_pdbx_struct_assembly_gen.assembly_id       1 
_pdbx_struct_assembly_gen.oper_expression   1 
_pdbx_struct_assembly_gen.asym_id_list      A,B,C 
# 
_pdbx_struct_oper_list.id                   1 
_pdbx_struct_oper_list.type                 'identity operation' 
_pdbx_struct_oper_list.name                 1_555 
_pdbx_struct_oper_list.symmetry_operation   x,y,z 
_pdbx_struct_oper_list.matrix[1][1]         1.0000000000 
_pdbx_struct_oper_list.matrix[1][2]         0.0000000000 
_pdbx_struct_oper_list.matrix[1][3]         0.0000000000 
_pdbx_struct_oper_list.vector[1]            0.0000000000 
_pdbx_struct_oper_list.matrix[2][1]         0.0000000000 
_pdbx_struct_oper_list.matrix[2][2]         1.0000000000 
_pdbx_struct_oper_list.matrix[2][3]         0.0000000000 
_pdbx_struct_oper_list.vector[2]            0.0000000000 
_pdbx_struct_oper_list.matrix[3][1]         0.0000000000 
_pdbx_struct_oper_list.matrix[3][2]         0.0000000000 
_pdbx_struct_oper_list.matrix[3][3]         1.0000000000 
_pdbx_struct_oper_list.vector[3]            0.0000000000 
# 
loop_
_struct_conf.conf_type_id 
_struct_conf.id 
_struct_conf.pdbx_PDB_helix_id 
_struct_conf.beg_label_comp_id 
_struct_conf.beg_label_asym_id 
_struct_conf.beg_label_seq_id 
_struct_conf.pdbx_beg_PDB_ins_code 
_struct_conf.end_label_comp_id 
_struct_conf.end_label_asym_id 
_struct_conf.end_label_seq_id 
_struct_conf.pdbx_end_PDB_ins_code 
_struct_conf.beg_auth_comp_id 
_struct_conf.beg_auth_asym_id 
_struct_conf.beg_auth_seq_id 
_struct_conf.end_auth_comp_id 
_struct_conf.end_auth_asym_id 
_struct_conf.end_auth_seq_id 
_struct_conf.pdbx_PDB_helix_class 
_struct_conf.details 
_struct_conf.pdbx_PDB_helix_length 
HELX_P HELX_P1 1 SER A 2  ? ALA A 15 ? SER A 2  ALA A 15 1 ? 14 
HELX_P HELX_P2 2 LYS A 25 ? PHE A 36 ? LYS A 25 PHE A 36 1 ? 12 
HELX_P HELX_P3 3 PRO A 37 ? LYS A 41 ? PRO A 37 LYS A 41 5 ? 5  
HELX_P HELX_P4 4 THR A 45 ? ASP A 54 ? THR A 45 ASP A 54 1 ? 10 
HELX_P HELX_P5 5 SER A 62 ? SER A 74 ? SER A 62 SER A 74 1 ? 13 
# 
_struct_conf_type.id          HELX_P 
_struct_conf_type.criteria    ? 
_struct_conf_type.reference   ? 
# 
loop_
_struct_conn.id 
_struct_conn.conn_type_id 
_struct_conn.pdbx_leaving_atom_flag 
_struct_conn.pdbx_PDB_id 
_struct_conn.ptnr1_label_asym_id 
_struct_conn.ptnr1_label_comp_id 
_struct_conn.ptnr1_label_seq_id 
_struct_conn.ptnr1_label_atom_id 
_struct_conn.pdbx_ptnr1_label_alt_id 
_struct_conn.pdbx_ptnr1_PDB_ins_code 
_struct_conn.pdbx_ptnr1_standard_comp_id 
_struct_conn.ptnr1_symmetry 
_struct_conn.ptnr2_label_asym_id 
_struct_conn.ptnr2_label_comp_id 
_struct_conn.ptnr2_label_seq_id 
_struct_conn.ptnr2_label_atom_id 
_struct_conn.pdbx_ptnr2_label_alt_id 
_struct_conn.pdbx_ptnr2_PDB_ins_code 
_struct_conn.ptnr1_auth_asym_id 
_struct_conn.ptnr1_auth_comp_id 
_struct_conn.ptnr1_auth_seq_id 
_struct_conn.ptnr2_auth_asym_id 
_struct_conn.ptnr2_auth_comp_id 
_struct_conn.ptnr2_auth_seq_id 
_struct_conn.ptnr2_symmetry 
_struct_conn.pdbx_ptnr3_label_atom_id 
_struct_conn.pdbx_ptnr3_label_seq_id 
_struct_conn.pdbx_ptnr3_label_comp_id 
_struct_conn.pdbx_ptnr3_label_asym_id 
_struct_conn.pdbx_ptnr3_label_alt_id 
_struct_conn.pdbx_ptnr3_PDB_ins_code 
_struct_conn.details 
_struct_conn.pdbx_dist_value 
_struct_conn.pdbx_value_order 
_struct_conn.pdbx_role 
metalc1 metalc ? ? A ASP 54 OD1 ? ? ? 1_555 B MG  . MG ? ? A ASP 54 A MG  78  1_555 ? ? ? ? ? ? ? 2.062 ? ? 
metalc2 metalc ? ? A ASN 56 OD1 ? ? ? 1_555 B MG  . MG ? ? A ASN 56 A MG  78  1_555 ? ? ? ? ? ? ? 2.045 ? ? 
metalc3 metalc ? ? A ASP 58 OD1 ? ? ? 1_555 B MG  . MG ? ? A ASP 58 A MG  78  1_555 ? ? ? ? ? ? ? 2.105 ? ? 
metalc4 metalc ? ? A GLU 60 O   ? ? ? 1_555 B MG  . MG ? ? A GLU 60 A MG  78  1_555 ? ? ? ? ? ? ? 1.990 ? ? 
metalc5 metalc ? ? B MG  .  MG  ? ? ? 1_555 C HOH . O  ? ? A MG  78 A HOH 110 1_555 ? ? ? ? ? ? ? 1.964 ? ? 
metalc6 metalc ? ? B MG  .  MG  ? ? ? 1_555 C HOH . O  ? ? A MG  78 A HOH 112 1_555 ? ? ? ? ? ? ? 2.096 ? ? 
# 
_struct_conn_type.id          metalc 
_struct_conn_type.criteria    ? 
_struct_conn_type.reference   ? 
# 
loop_
_pdbx_struct_conn_angle.id 
_pdbx_struct_conn_angle.ptnr1_label_atom_id 
_pdbx_struct_conn_angle.ptnr1_label_alt_id 
_pdbx_struct_conn_angle.ptnr1_label_asym_id 
_pdbx_struct_conn_angle.ptnr1_label_comp_id 
_pdbx_struct_conn_angle.ptnr1_label_seq_id 
_pdbx_struct_conn_angle.ptnr1_auth_atom_id 
_pdbx_struct_conn_angle.ptnr1_auth_asym_id 
_pdbx_struct_conn_angle.ptnr1_auth_comp_id 
_pdbx_struct_conn_angle.ptnr1_auth_seq_id 
_pdbx_struct_conn_angle.ptnr1_PDB_ins_code 
_pdbx_struct_conn_angle.ptnr1_symmetry 
_pdbx_struct_conn_angle.ptnr2_label_atom_id 
_pdbx_struct_conn_angle.ptnr2_label_alt_id 
_pdbx_struct_conn_angle.ptnr2_label_asym_id 
_pdbx_struct_conn_angle.ptnr2_label_comp_id 
_pdbx_struct_conn_angle.ptnr2_label_seq_id 
_pdbx_struct_conn_angle.ptnr2_auth_atom_id 
_pdbx_struct_conn_angle.ptnr2_auth_asym_id 
_pdbx_struct_conn_angle.ptnr2_auth_comp_id 
_pdbx_struct_conn_angle.ptnr2_auth_seq_id 
_pdbx_struct_conn_angle.ptnr2_PDB_ins_code 
_pdbx_struct_conn_angle.ptnr2_symmetry 
_pdbx_struct_conn_angle.ptnr3_label_atom_id 
_pdbx_struct_conn_angle.ptnr3_label_alt_id 
_pdbx_struct_conn_angle.ptnr3_label_asym_id 
_pdbx_struct_conn_angle.ptnr3_label_comp_id 
_pdbx_struct_conn_angle.ptnr3_label_seq_id 
_pdbx_struct_conn_angle.ptnr3_auth_atom_id 
_pdbx_struct_conn_angle.ptnr3_auth_asym_id 
_pdbx_struct_conn_angle.ptnr3_auth_comp_id 
_pdbx_struct_conn_angle.ptnr3_auth_seq_id 
_pdbx_struct_conn_angle.ptnr3_PDB_ins_code 
_pdbx_struct_conn_angle.ptnr3_symmetry 
_pdbx_struct_conn_angle.value 
_pdbx_struct_conn_angle.value_esd 
1  OD1 ? A ASP 54 ? A ASP 54  ? 1_555 MG ? B MG . ? A MG 78 ? 1_555 OD1 ? A ASN 56 ? A ASN 56  ? 1_555 84.4  ? 
2  OD1 ? A ASP 54 ? A ASP 54  ? 1_555 MG ? B MG . ? A MG 78 ? 1_555 OD1 ? A ASP 58 ? A ASP 58  ? 1_555 83.5  ? 
3  OD1 ? A ASN 56 ? A ASN 56  ? 1_555 MG ? B MG . ? A MG 78 ? 1_555 OD1 ? A ASP 58 ? A ASP 58  ? 1_555 81.5  ? 
4  OD1 ? A ASP 54 ? A ASP 54  ? 1_555 MG ? B MG . ? A MG 78 ? 1_555 O   ? A GLU 60 ? A GLU 60  ? 1_555 91.3  ? 
5  OD1 ? A ASN 56 ? A ASN 56  ? 1_555 MG ? B MG . ? A MG 78 ? 1_555 O   ? A GLU 60 ? A GLU 60  ? 1_555 171.0 ? 
6  OD1 ? A ASP 58 ? A ASP 58  ? 1_555 MG ? B MG . ? A MG 78 ? 1_555 O   ? A GLU 60 ? A GLU 60  ? 1_555 90.2  ? 
7  OD1 ? A ASP 54 ? A ASP 54  ? 1_555 MG ? B MG . ? A MG 78 ? 1_555 O   ? C HOH .  ? A HOH 110 ? 1_555 98.8  ? 
8  OD1 ? A ASN 56 ? A ASN 56  ? 1_555 MG ? B MG . ? A MG 78 ? 1_555 O   ? C HOH .  ? A HOH 110 ? 1_555 93.9  ? 
9  OD1 ? A ASP 58 ? A ASP 58  ? 1_555 MG ? B MG . ? A MG 78 ? 1_555 O   ? C HOH .  ? A HOH 110 ? 1_555 174.6 ? 
10 O   ? A GLU 60 ? A GLU 60  ? 1_555 MG ? B MG . ? A MG 78 ? 1_555 O   ? C HOH .  ? A HOH 110 ? 1_555 94.6  ? 
11 OD1 ? A ASP 54 ? A ASP 54  ? 1_555 MG ? B MG . ? A MG 78 ? 1_555 O   ? C HOH .  ? A HOH 112 ? 1_555 169.0 ? 
12 OD1 ? A ASN 56 ? A ASN 56  ? 1_555 MG ? B MG . ? A MG 78 ? 1_555 O   ? C HOH .  ? A HOH 112 ? 1_555 91.4  ? 
13 OD1 ? A ASP 58 ? A ASP 58  ? 1_555 MG ? B MG . ? A MG 78 ? 1_555 O   ? C HOH .  ? A HOH 112 ? 1_555 85.8  ? 
14 O   ? A GLU 60 ? A GLU 60  ? 1_555 MG ? B MG . ? A MG 78 ? 1_555 O   ? C HOH .  ? A HOH 112 ? 1_555 91.5  ? 
15 O   ? C HOH .  ? A HOH 110 ? 1_555 MG ? B MG . ? A MG 78 ? 1_555 O   ? C HOH .  ? A HOH 112 ? 1_555 91.6  ? 
# 
_struct_sheet.id               A 
_struct_sheet.type             ? 
_struct_sheet.number_strands   2 
_struct_sheet.details          ? 
# 
_struct_sheet_order.sheet_id     A 
_struct_sheet_order.range_id_1   1 
_struct_sheet_order.range_id_2   2 
_struct_sheet_order.offset       ? 
_struct_sheet_order.sense        anti-parallel 
# 
loop_
_struct_sheet_range.sheet_id 
_struct_sheet_range.id 
_struct_sheet_range.beg_label_comp_id 
_struct_sheet_range.beg_label_asym_id 
_struct_sheet_range.beg_label_seq_id 
_struct_sheet_range.pdbx_beg_PDB_ins_code 
_struct_sheet_range.end_label_comp_id 
_struct_sheet_range.end_label_asym_id 
_struct_sheet_range.end_label_seq_id 
_struct_sheet_range.pdbx_end_PDB_ins_code 
_struct_sheet_range.beg_auth_comp_id 
_struct_sheet_range.beg_auth_asym_id 
_struct_sheet_range.beg_auth_seq_id 
_struct_sheet_range.end_auth_comp_id 
_struct_sheet_range.end_auth_asym_id 
_struct_sheet_range.end_auth_seq_id 
A 1 LEU A 23 ? SER A 24 ? LEU A 23 SER A 24 
A 2 GLU A 60 ? VAL A 61 ? GLU A 60 VAL A 61 
# 
_pdbx_struct_sheet_hbond.sheet_id                A 
_pdbx_struct_sheet_hbond.range_id_1              1 
_pdbx_struct_sheet_hbond.range_id_2              2 
_pdbx_struct_sheet_hbond.range_1_label_atom_id   O 
_pdbx_struct_sheet_hbond.range_1_label_comp_id   LEU 
_pdbx_struct_sheet_hbond.range_1_label_asym_id   A 
_pdbx_struct_sheet_hbond.range_1_label_seq_id    23 
_pdbx_struct_sheet_hbond.range_1_PDB_ins_code    ? 
_pdbx_struct_sheet_hbond.range_1_auth_atom_id    O 
_pdbx_struct_sheet_hbond.range_1_auth_comp_id    LEU 
_pdbx_struct_sheet_hbond.range_1_auth_asym_id    A 
_pdbx_struct_sheet_hbond.range_1_auth_seq_id     23 
_pdbx_struct_sheet_hbond.range_2_label_atom_id   N 
_pdbx_struct_sheet_hbond.range_2_label_comp_id   VAL 
_pdbx_struct_sheet_hbond.range_2_label_asym_id   A 
_pdbx_struct_sheet_hbond.range_2_label_seq_id    61 
_pdbx_struct_sheet_hbond.range_2_PDB_ins_code    ? 
_pdbx_struct_sheet_hbond.range_2_auth_atom_id    N 
_pdbx_struct_sheet_hbond.range_2_auth_comp_id    VAL 
_pdbx_struct_sheet_hbond.range_2_auth_asym_id    A 
_pdbx_struct_sheet_hbond.range_2_auth_seq_id     61 
# 
loop_
_struct_site.id 
_struct_site.pdbx_evidence_code 
_struct_site.pdbx_auth_asym_id 
_struct_site.pdbx_auth_comp_id 
_struct_site.pdbx_auth_seq_id 
_struct_site.pdbx_auth_ins_code 
_struct_site.pdbx_num_residues 
_struct_site.details 
MUM Author   ? ?  ?  ? 4 'MG BINDING EF-HAND LOOP.'         
AC1 Software A MG 78 ? 7 'BINDING SITE FOR RESIDUE MG A 78' 
# 
loop_
_struct_site_gen.id 
_struct_site_gen.site_id 
_struct_site_gen.pdbx_num_res 
_struct_site_gen.label_comp_id 
_struct_site_gen.label_asym_id 
_struct_site_gen.label_seq_id 
_struct_site_gen.pdbx_auth_ins_code 
_struct_site_gen.auth_comp_id 
_struct_site_gen.auth_asym_id 
_struct_site_gen.auth_seq_id 
_struct_site_gen.label_atom_id 
_struct_site_gen.label_alt_id 
_struct_site_gen.symmetry 
_struct_site_gen.details 
1  MUM 4 ASP A 54 ? ASP A 54  . ? 1_555 ? 
2  MUM 4 ASN A 56 ? ASN A 56  . ? 1_555 ? 
3  MUM 4 ASP A 58 ? ASP A 58  . ? 1_555 ? 
4  MUM 4 GLU A 60 ? GLU A 60  . ? 1_555 ? 
5  AC1 7 ASP A 54 ? ASP A 54  . ? 1_555 ? 
6  AC1 7 ASN A 56 ? ASN A 56  . ? 1_555 ? 
7  AC1 7 ASP A 58 ? ASP A 58  . ? 1_555 ? 
8  AC1 7 GLU A 60 ? GLU A 60  . ? 1_555 ? 
9  AC1 7 GLN A 75 ? GLN A 75  . ? 6_455 ? 
10 AC1 7 HOH C .  ? HOH A 110 . ? 1_555 ? 
11 AC1 7 HOH C .  ? HOH A 112 . ? 1_555 ? 
# 
loop_
_chem_comp_atom.comp_id 
_chem_comp_atom.atom_id 
_chem_comp_atom.type_symbol 
_chem_comp_atom.pdbx_aromatic_flag 
_chem_comp_atom.pdbx_stereo_config 
_chem_comp_atom.pdbx_ordinal 
ALA N    N  N N 1   
ALA CA   C  N S 2   
ALA C    C  N N 3   
ALA O    O  N N 4   
ALA CB   C  N N 5   
ALA OXT  O  N N 6   
ALA H    H  N N 7   
ALA H2   H  N N 8   
ALA HA   H  N N 9   
ALA HB1  H  N N 10  
ALA HB2  H  N N 11  
ALA HB3  H  N N 12  
ALA HXT  H  N N 13  
ASN N    N  N N 14  
ASN CA   C  N S 15  
ASN C    C  N N 16  
ASN O    O  N N 17  
ASN CB   C  N N 18  
ASN CG   C  N N 19  
ASN OD1  O  N N 20  
ASN ND2  N  N N 21  
ASN OXT  O  N N 22  
ASN H    H  N N 23  
ASN H2   H  N N 24  
ASN HA   H  N N 25  
ASN HB2  H  N N 26  
ASN HB3  H  N N 27  
ASN HD21 H  N N 28  
ASN HD22 H  N N 29  
ASN HXT  H  N N 30  
ASP N    N  N N 31  
ASP CA   C  N S 32  
ASP C    C  N N 33  
ASP O    O  N N 34  
ASP CB   C  N N 35  
ASP CG   C  N N 36  
ASP OD1  O  N N 37  
ASP OD2  O  N N 38  
ASP OXT  O  N N 39  
ASP H    H  N N 40  
ASP H2   H  N N 41  
ASP HA   H  N N 42  
ASP HB2  H  N N 43  
ASP HB3  H  N N 44  
ASP HD2  H  N N 45  
ASP HXT  H  N N 46  
GLN N    N  N N 47  
GLN CA   C  N S 48  
GLN C    C  N N 49  
GLN O    O  N N 50  
GLN CB   C  N N 51  
GLN CG   C  N N 52  
GLN CD   C  N N 53  
GLN OE1  O  N N 54  
GLN NE2  N  N N 55  
GLN OXT  O  N N 56  
GLN H    H  N N 57  
GLN H2   H  N N 58  
GLN HA   H  N N 59  
GLN HB2  H  N N 60  
GLN HB3  H  N N 61  
GLN HG2  H  N N 62  
GLN HG3  H  N N 63  
GLN HE21 H  N N 64  
GLN HE22 H  N N 65  
GLN HXT  H  N N 66  
GLU N    N  N N 67  
GLU CA   C  N S 68  
GLU C    C  N N 69  
GLU O    O  N N 70  
GLU CB   C  N N 71  
GLU CG   C  N N 72  
GLU CD   C  N N 73  
GLU OE1  O  N N 74  
GLU OE2  O  N N 75  
GLU OXT  O  N N 76  
GLU H    H  N N 77  
GLU H2   H  N N 78  
GLU HA   H  N N 79  
GLU HB2  H  N N 80  
GLU HB3  H  N N 81  
GLU HG2  H  N N 82  
GLU HG3  H  N N 83  
GLU HE2  H  N N 84  
GLU HXT  H  N N 85  
GLY N    N  N N 86  
GLY CA   C  N N 87  
GLY C    C  N N 88  
GLY O    O  N N 89  
GLY OXT  O  N N 90  
GLY H    H  N N 91  
GLY H2   H  N N 92  
GLY HA2  H  N N 93  
GLY HA3  H  N N 94  
GLY HXT  H  N N 95  
HOH O    O  N N 96  
HOH H1   H  N N 97  
HOH H2   H  N N 98  
ILE N    N  N N 99  
ILE CA   C  N S 100 
ILE C    C  N N 101 
ILE O    O  N N 102 
ILE CB   C  N S 103 
ILE CG1  C  N N 104 
ILE CG2  C  N N 105 
ILE CD1  C  N N 106 
ILE OXT  O  N N 107 
ILE H    H  N N 108 
ILE H2   H  N N 109 
ILE HA   H  N N 110 
ILE HB   H  N N 111 
ILE HG12 H  N N 112 
ILE HG13 H  N N 113 
ILE HG21 H  N N 114 
ILE HG22 H  N N 115 
ILE HG23 H  N N 116 
ILE HD11 H  N N 117 
ILE HD12 H  N N 118 
ILE HD13 H  N N 119 
ILE HXT  H  N N 120 
LEU N    N  N N 121 
LEU CA   C  N S 122 
LEU C    C  N N 123 
LEU O    O  N N 124 
LEU CB   C  N N 125 
LEU CG   C  N N 126 
LEU CD1  C  N N 127 
LEU CD2  C  N N 128 
LEU OXT  O  N N 129 
LEU H    H  N N 130 
LEU H2   H  N N 131 
LEU HA   H  N N 132 
LEU HB2  H  N N 133 
LEU HB3  H  N N 134 
LEU HG   H  N N 135 
LEU HD11 H  N N 136 
LEU HD12 H  N N 137 
LEU HD13 H  N N 138 
LEU HD21 H  N N 139 
LEU HD22 H  N N 140 
LEU HD23 H  N N 141 
LEU HXT  H  N N 142 
LYS N    N  N N 143 
LYS CA   C  N S 144 
LYS C    C  N N 145 
LYS O    O  N N 146 
LYS CB   C  N N 147 
LYS CG   C  N N 148 
LYS CD   C  N N 149 
LYS CE   C  N N 150 
LYS NZ   N  N N 151 
LYS OXT  O  N N 152 
LYS H    H  N N 153 
LYS H2   H  N N 154 
LYS HA   H  N N 155 
LYS HB2  H  N N 156 
LYS HB3  H  N N 157 
LYS HG2  H  N N 158 
LYS HG3  H  N N 159 
LYS HD2  H  N N 160 
LYS HD3  H  N N 161 
LYS HE2  H  N N 162 
LYS HE3  H  N N 163 
LYS HZ1  H  N N 164 
LYS HZ2  H  N N 165 
LYS HZ3  H  N N 166 
LYS HXT  H  N N 167 
MG  MG   MG N N 168 
PHE N    N  N N 169 
PHE CA   C  N S 170 
PHE C    C  N N 171 
PHE O    O  N N 172 
PHE CB   C  N N 173 
PHE CG   C  Y N 174 
PHE CD1  C  Y N 175 
PHE CD2  C  Y N 176 
PHE CE1  C  Y N 177 
PHE CE2  C  Y N 178 
PHE CZ   C  Y N 179 
PHE OXT  O  N N 180 
PHE H    H  N N 181 
PHE H2   H  N N 182 
PHE HA   H  N N 183 
PHE HB2  H  N N 184 
PHE HB3  H  N N 185 
PHE HD1  H  N N 186 
PHE HD2  H  N N 187 
PHE HE1  H  N N 188 
PHE HE2  H  N N 189 
PHE HZ   H  N N 190 
PHE HXT  H  N N 191 
PRO N    N  N N 192 
PRO CA   C  N S 193 
PRO C    C  N N 194 
PRO O    O  N N 195 
PRO CB   C  N N 196 
PRO CG   C  N N 197 
PRO CD   C  N N 198 
PRO OXT  O  N N 199 
PRO H    H  N N 200 
PRO HA   H  N N 201 
PRO HB2  H  N N 202 
PRO HB3  H  N N 203 
PRO HG2  H  N N 204 
PRO HG3  H  N N 205 
PRO HD2  H  N N 206 
PRO HD3  H  N N 207 
PRO HXT  H  N N 208 
SER N    N  N N 209 
SER CA   C  N S 210 
SER C    C  N N 211 
SER O    O  N N 212 
SER CB   C  N N 213 
SER OG   O  N N 214 
SER OXT  O  N N 215 
SER H    H  N N 216 
SER H2   H  N N 217 
SER HA   H  N N 218 
SER HB2  H  N N 219 
SER HB3  H  N N 220 
SER HG   H  N N 221 
SER HXT  H  N N 222 
THR N    N  N N 223 
THR CA   C  N S 224 
THR C    C  N N 225 
THR O    O  N N 226 
THR CB   C  N R 227 
THR OG1  O  N N 228 
THR CG2  C  N N 229 
THR OXT  O  N N 230 
THR H    H  N N 231 
THR H2   H  N N 232 
THR HA   H  N N 233 
THR HB   H  N N 234 
THR HG1  H  N N 235 
THR HG21 H  N N 236 
THR HG22 H  N N 237 
THR HG23 H  N N 238 
THR HXT  H  N N 239 
TYR N    N  N N 240 
TYR CA   C  N S 241 
TYR C    C  N N 242 
TYR O    O  N N 243 
TYR CB   C  N N 244 
TYR CG   C  Y N 245 
TYR CD1  C  Y N 246 
TYR CD2  C  Y N 247 
TYR CE1  C  Y N 248 
TYR CE2  C  Y N 249 
TYR CZ   C  Y N 250 
TYR OH   O  N N 251 
TYR OXT  O  N N 252 
TYR H    H  N N 253 
TYR H2   H  N N 254 
TYR HA   H  N N 255 
TYR HB2  H  N N 256 
TYR HB3  H  N N 257 
TYR HD1  H  N N 258 
TYR HD2  H  N N 259 
TYR HE1  H  N N 260 
TYR HE2  H  N N 261 
TYR HH   H  N N 262 
TYR HXT  H  N N 263 
VAL N    N  N N 264 
VAL CA   C  N S 265 
VAL C    C  N N 266 
VAL O    O  N N 267 
VAL CB   C  N N 268 
VAL CG1  C  N N 269 
VAL CG2  C  N N 270 
VAL OXT  O  N N 271 
VAL H    H  N N 272 
VAL H2   H  N N 273 
VAL HA   H  N N 274 
VAL HB   H  N N 275 
VAL HG11 H  N N 276 
VAL HG12 H  N N 277 
VAL HG13 H  N N 278 
VAL HG21 H  N N 279 
VAL HG22 H  N N 280 
VAL HG23 H  N N 281 
VAL HXT  H  N N 282 
# 
loop_
_chem_comp_bond.comp_id 
_chem_comp_bond.atom_id_1 
_chem_comp_bond.atom_id_2 
_chem_comp_bond.value_order 
_chem_comp_bond.pdbx_aromatic_flag 
_chem_comp_bond.pdbx_stereo_config 
_chem_comp_bond.pdbx_ordinal 
ALA N   CA   sing N N 1   
ALA N   H    sing N N 2   
ALA N   H2   sing N N 3   
ALA CA  C    sing N N 4   
ALA CA  CB   sing N N 5   
ALA CA  HA   sing N N 6   
ALA C   O    doub N N 7   
ALA C   OXT  sing N N 8   
ALA CB  HB1  sing N N 9   
ALA CB  HB2  sing N N 10  
ALA CB  HB3  sing N N 11  
ALA OXT HXT  sing N N 12  
ASN N   CA   sing N N 13  
ASN N   H    sing N N 14  
ASN N   H2   sing N N 15  
ASN CA  C    sing N N 16  
ASN CA  CB   sing N N 17  
ASN CA  HA   sing N N 18  
ASN C   O    doub N N 19  
ASN C   OXT  sing N N 20  
ASN CB  CG   sing N N 21  
ASN CB  HB2  sing N N 22  
ASN CB  HB3  sing N N 23  
ASN CG  OD1  doub N N 24  
ASN CG  ND2  sing N N 25  
ASN ND2 HD21 sing N N 26  
ASN ND2 HD22 sing N N 27  
ASN OXT HXT  sing N N 28  
ASP N   CA   sing N N 29  
ASP N   H    sing N N 30  
ASP N   H2   sing N N 31  
ASP CA  C    sing N N 32  
ASP CA  CB   sing N N 33  
ASP CA  HA   sing N N 34  
ASP C   O    doub N N 35  
ASP C   OXT  sing N N 36  
ASP CB  CG   sing N N 37  
ASP CB  HB2  sing N N 38  
ASP CB  HB3  sing N N 39  
ASP CG  OD1  doub N N 40  
ASP CG  OD2  sing N N 41  
ASP OD2 HD2  sing N N 42  
ASP OXT HXT  sing N N 43  
GLN N   CA   sing N N 44  
GLN N   H    sing N N 45  
GLN N   H2   sing N N 46  
GLN CA  C    sing N N 47  
GLN CA  CB   sing N N 48  
GLN CA  HA   sing N N 49  
GLN C   O    doub N N 50  
GLN C   OXT  sing N N 51  
GLN CB  CG   sing N N 52  
GLN CB  HB2  sing N N 53  
GLN CB  HB3  sing N N 54  
GLN CG  CD   sing N N 55  
GLN CG  HG2  sing N N 56  
GLN CG  HG3  sing N N 57  
GLN CD  OE1  doub N N 58  
GLN CD  NE2  sing N N 59  
GLN NE2 HE21 sing N N 60  
GLN NE2 HE22 sing N N 61  
GLN OXT HXT  sing N N 62  
GLU N   CA   sing N N 63  
GLU N   H    sing N N 64  
GLU N   H2   sing N N 65  
GLU CA  C    sing N N 66  
GLU CA  CB   sing N N 67  
GLU CA  HA   sing N N 68  
GLU C   O    doub N N 69  
GLU C   OXT  sing N N 70  
GLU CB  CG   sing N N 71  
GLU CB  HB2  sing N N 72  
GLU CB  HB3  sing N N 73  
GLU CG  CD   sing N N 74  
GLU CG  HG2  sing N N 75  
GLU CG  HG3  sing N N 76  
GLU CD  OE1  doub N N 77  
GLU CD  OE2  sing N N 78  
GLU OE2 HE2  sing N N 79  
GLU OXT HXT  sing N N 80  
GLY N   CA   sing N N 81  
GLY N   H    sing N N 82  
GLY N   H2   sing N N 83  
GLY CA  C    sing N N 84  
GLY CA  HA2  sing N N 85  
GLY CA  HA3  sing N N 86  
GLY C   O    doub N N 87  
GLY C   OXT  sing N N 88  
GLY OXT HXT  sing N N 89  
HOH O   H1   sing N N 90  
HOH O   H2   sing N N 91  
ILE N   CA   sing N N 92  
ILE N   H    sing N N 93  
ILE N   H2   sing N N 94  
ILE CA  C    sing N N 95  
ILE CA  CB   sing N N 96  
ILE CA  HA   sing N N 97  
ILE C   O    doub N N 98  
ILE C   OXT  sing N N 99  
ILE CB  CG1  sing N N 100 
ILE CB  CG2  sing N N 101 
ILE CB  HB   sing N N 102 
ILE CG1 CD1  sing N N 103 
ILE CG1 HG12 sing N N 104 
ILE CG1 HG13 sing N N 105 
ILE CG2 HG21 sing N N 106 
ILE CG2 HG22 sing N N 107 
ILE CG2 HG23 sing N N 108 
ILE CD1 HD11 sing N N 109 
ILE CD1 HD12 sing N N 110 
ILE CD1 HD13 sing N N 111 
ILE OXT HXT  sing N N 112 
LEU N   CA   sing N N 113 
LEU N   H    sing N N 114 
LEU N   H2   sing N N 115 
LEU CA  C    sing N N 116 
LEU CA  CB   sing N N 117 
LEU CA  HA   sing N N 118 
LEU C   O    doub N N 119 
LEU C   OXT  sing N N 120 
LEU CB  CG   sing N N 121 
LEU CB  HB2  sing N N 122 
LEU CB  HB3  sing N N 123 
LEU CG  CD1  sing N N 124 
LEU CG  CD2  sing N N 125 
LEU CG  HG   sing N N 126 
LEU CD1 HD11 sing N N 127 
LEU CD1 HD12 sing N N 128 
LEU CD1 HD13 sing N N 129 
LEU CD2 HD21 sing N N 130 
LEU CD2 HD22 sing N N 131 
LEU CD2 HD23 sing N N 132 
LEU OXT HXT  sing N N 133 
LYS N   CA   sing N N 134 
LYS N   H    sing N N 135 
LYS N   H2   sing N N 136 
LYS CA  C    sing N N 137 
LYS CA  CB   sing N N 138 
LYS CA  HA   sing N N 139 
LYS C   O    doub N N 140 
LYS C   OXT  sing N N 141 
LYS CB  CG   sing N N 142 
LYS CB  HB2  sing N N 143 
LYS CB  HB3  sing N N 144 
LYS CG  CD   sing N N 145 
LYS CG  HG2  sing N N 146 
LYS CG  HG3  sing N N 147 
LYS CD  CE   sing N N 148 
LYS CD  HD2  sing N N 149 
LYS CD  HD3  sing N N 150 
LYS CE  NZ   sing N N 151 
LYS CE  HE2  sing N N 152 
LYS CE  HE3  sing N N 153 
LYS NZ  HZ1  sing N N 154 
LYS NZ  HZ2  sing N N 155 
LYS NZ  HZ3  sing N N 156 
LYS OXT HXT  sing N N 157 
PHE N   CA   sing N N 158 
PHE N   H    sing N N 159 
PHE N   H2   sing N N 160 
PHE CA  C    sing N N 161 
PHE CA  CB   sing N N 162 
PHE CA  HA   sing N N 163 
PHE C   O    doub N N 164 
PHE C   OXT  sing N N 165 
PHE CB  CG   sing N N 166 
PHE CB  HB2  sing N N 167 
PHE CB  HB3  sing N N 168 
PHE CG  CD1  doub Y N 169 
PHE CG  CD2  sing Y N 170 
PHE CD1 CE1  sing Y N 171 
PHE CD1 HD1  sing N N 172 
PHE CD2 CE2  doub Y N 173 
PHE CD2 HD2  sing N N 174 
PHE CE1 CZ   doub Y N 175 
PHE CE1 HE1  sing N N 176 
PHE CE2 CZ   sing Y N 177 
PHE CE2 HE2  sing N N 178 
PHE CZ  HZ   sing N N 179 
PHE OXT HXT  sing N N 180 
PRO N   CA   sing N N 181 
PRO N   CD   sing N N 182 
PRO N   H    sing N N 183 
PRO CA  C    sing N N 184 
PRO CA  CB   sing N N 185 
PRO CA  HA   sing N N 186 
PRO C   O    doub N N 187 
PRO C   OXT  sing N N 188 
PRO CB  CG   sing N N 189 
PRO CB  HB2  sing N N 190 
PRO CB  HB3  sing N N 191 
PRO CG  CD   sing N N 192 
PRO CG  HG2  sing N N 193 
PRO CG  HG3  sing N N 194 
PRO CD  HD2  sing N N 195 
PRO CD  HD3  sing N N 196 
PRO OXT HXT  sing N N 197 
SER N   CA   sing N N 198 
SER N   H    sing N N 199 
SER N   H2   sing N N 200 
SER CA  C    sing N N 201 
SER CA  CB   sing N N 202 
SER CA  HA   sing N N 203 
SER C   O    doub N N 204 
SER C   OXT  sing N N 205 
SER CB  OG   sing N N 206 
SER CB  HB2  sing N N 207 
SER CB  HB3  sing N N 208 
SER OG  HG   sing N N 209 
SER OXT HXT  sing N N 210 
THR N   CA   sing N N 211 
THR N   H    sing N N 212 
THR N   H2   sing N N 213 
THR CA  C    sing N N 214 
THR CA  CB   sing N N 215 
THR CA  HA   sing N N 216 
THR C   O    doub N N 217 
THR C   OXT  sing N N 218 
THR CB  OG1  sing N N 219 
THR CB  CG2  sing N N 220 
THR CB  HB   sing N N 221 
THR OG1 HG1  sing N N 222 
THR CG2 HG21 sing N N 223 
THR CG2 HG22 sing N N 224 
THR CG2 HG23 sing N N 225 
THR OXT HXT  sing N N 226 
TYR N   CA   sing N N 227 
TYR N   H    sing N N 228 
TYR N   H2   sing N N 229 
TYR CA  C    sing N N 230 
TYR CA  CB   sing N N 231 
TYR CA  HA   sing N N 232 
TYR C   O    doub N N 233 
TYR C   OXT  sing N N 234 
TYR CB  CG   sing N N 235 
TYR CB  HB2  sing N N 236 
TYR CB  HB3  sing N N 237 
TYR CG  CD1  doub Y N 238 
TYR CG  CD2  sing Y N 239 
TYR CD1 CE1  sing Y N 240 
TYR CD1 HD1  sing N N 241 
TYR CD2 CE2  doub Y N 242 
TYR CD2 HD2  sing N N 243 
TYR CE1 CZ   doub Y N 244 
TYR CE1 HE1  sing N N 245 
TYR CE2 CZ   sing Y N 246 
TYR CE2 HE2  sing N N 247 
TYR CZ  OH   sing N N 248 
TYR OH  HH   sing N N 249 
TYR OXT HXT  sing N N 250 
VAL N   CA   sing N N 251 
VAL N   H    sing N N 252 
VAL N   H2   sing N N 253 
VAL CA  C    sing N N 254 
VAL CA  CB   sing N N 255 
VAL CA  HA   sing N N 256 
VAL C   O    doub N N 257 
VAL C   OXT  sing N N 258 
VAL CB  CG1  sing N N 259 
VAL CB  CG2  sing N N 260 
VAL CB  HB   sing N N 261 
VAL CG1 HG11 sing N N 262 
VAL CG1 HG12 sing N N 263 
VAL CG1 HG13 sing N N 264 
VAL CG2 HG21 sing N N 265 
VAL CG2 HG22 sing N N 266 
VAL CG2 HG23 sing N N 267 
VAL OXT HXT  sing N N 268 
# 
_atom_sites.entry_id                    1IG5 
_atom_sites.fract_transf_matrix[1][1]   -0.02010903 
_atom_sites.fract_transf_matrix[1][2]   0.02131613 
_atom_sites.fract_transf_matrix[1][3]   0.00449379 
_atom_sites.fract_transf_matrix[2][1]   -0.02174364 
_atom_sites.fract_transf_matrix[2][2]   -0.02001462 
_atom_sites.fract_transf_matrix[2][3]   -0.00236089 
_atom_sites.fract_transf_matrix[3][1]   0.00034814 
_atom_sites.fract_transf_matrix[3][2]   -0.00127587 
_atom_sites.fract_transf_matrix[3][3]   0.00760994 
_atom_sites.fract_transf_vector[1]      0.268682 
_atom_sites.fract_transf_vector[2]      0.353265 
_atom_sites.fract_transf_vector[3]      0.190207 
# 
loop_
_atom_type.symbol 
C  
MG 
N  
O  
# 
loop_
_atom_site.group_PDB 
_atom_site.id 
_atom_site.type_symbol 
_atom_site.label_atom_id 
_atom_site.label_alt_id 
_atom_site.label_comp_id 
_atom_site.label_asym_id 
_atom_site.label_entity_id 
_atom_site.label_seq_id 
_atom_site.pdbx_PDB_ins_code 
_atom_site.Cartn_x 
_atom_site.Cartn_y 
_atom_site.Cartn_z 
_atom_site.occupancy 
_atom_site.B_iso_or_equiv 
_atom_site.pdbx_formal_charge 
_atom_site.auth_seq_id 
_atom_site.auth_comp_id 
_atom_site.auth_asym_id 
_atom_site.auth_atom_id 
_atom_site.pdbx_PDB_model_num 
ATOM   1   N  N   . LYS A 1 1  ? 10.386  6.969   4.704   1.00 35.80 ? 1   LYS A N   1 
ATOM   2   C  CA  . LYS A 1 1  ? 11.029  5.759   5.311   1.00 31.50 ? 1   LYS A CA  1 
ATOM   3   C  C   . LYS A 1 1  ? 11.841  5.056   4.244   1.00 28.08 ? 1   LYS A C   1 
ATOM   4   O  O   . LYS A 1 1  ? 11.574  5.201   3.065   1.00 24.14 ? 1   LYS A O   1 
ATOM   5   C  CB  . LYS A 1 1  ? 9.985   4.804   5.934   1.00 33.81 ? 1   LYS A CB  1 
ATOM   6   C  CG  . LYS A 1 1  ? 9.652   5.104   7.406   1.00 32.64 ? 1   LYS A CG  1 
ATOM   7   C  CD  . LYS A 1 1  ? 8.179   5.385   7.579   1.00 38.22 ? 1   LYS A CD  1 
ATOM   8   C  CE  . LYS A 1 1  ? 7.875   6.055   8.901   1.00 37.03 ? 1   LYS A CE  1 
ATOM   9   N  NZ  . LYS A 1 1  ? 8.068   5.074   9.965   1.00 35.86 ? 1   LYS A NZ  1 
ATOM   10  N  N   . SER A 1 2  ? 12.901  4.392   4.693   1.00 26.32 ? 2   SER A N   1 
ATOM   11  C  CA  . SER A 1 2  ? 13.798  3.658   3.834   1.00 24.40 ? 2   SER A CA  1 
ATOM   12  C  C   . SER A 1 2  ? 13.028  2.453   3.324   1.00 23.56 ? 2   SER A C   1 
ATOM   13  O  O   . SER A 1 2  ? 12.110  1.985   3.977   1.00 23.34 ? 2   SER A O   1 
ATOM   14  C  CB  . SER A 1 2  ? 15.030  3.209   4.630   1.00 20.99 ? 2   SER A CB  1 
ATOM   15  O  OG  . SER A 1 2  ? 14.640  2.324   5.637   1.00 20.93 ? 2   SER A OG  1 
ATOM   16  N  N   . PRO A 1 3  ? 13.453  1.899   2.181   1.00 23.44 ? 3   PRO A N   1 
ATOM   17  C  CA  . PRO A 1 3  ? 12.816  0.739   1.559   1.00 21.87 ? 3   PRO A CA  1 
ATOM   18  C  C   . PRO A 1 3  ? 12.905  -0.406  2.504   1.00 20.10 ? 3   PRO A C   1 
ATOM   19  O  O   . PRO A 1 3  ? 12.006  -1.218  2.537   1.00 19.93 ? 3   PRO A O   1 
ATOM   20  C  CB  . PRO A 1 3  ? 13.666  0.475   0.298   1.00 25.80 ? 3   PRO A CB  1 
ATOM   21  C  CG  . PRO A 1 3  ? 14.467  1.792   0.078   1.00 25.82 ? 3   PRO A CG  1 
ATOM   22  C  CD  . PRO A 1 3  ? 14.709  2.273   1.487   1.00 24.28 ? 3   PRO A CD  1 
ATOM   23  N  N   . GLU A 1 4  ? 14.002  -0.498  3.259   1.00 19.90 ? 4   GLU A N   1 
ATOM   24  C  CA  . GLU A 1 4  ? 14.144  -1.587  4.238   1.00 20.43 ? 4   GLU A CA  1 
ATOM   25  C  C   . GLU A 1 4  ? 13.035  -1.498  5.256   1.00 19.22 ? 4   GLU A C   1 
ATOM   26  O  O   . GLU A 1 4  ? 12.457  -2.505  5.623   1.00 17.51 ? 4   GLU A O   1 
ATOM   27  C  CB  . GLU A 1 4  ? 15.457  -1.532  5.018   1.00 21.38 ? 4   GLU A CB  1 
ATOM   28  C  CG  . GLU A 1 4  ? 16.641  -1.997  4.246   1.00 27.45 ? 4   GLU A CG  1 
ATOM   29  C  CD  . GLU A 1 4  ? 17.195  -0.931  3.341   1.00 32.90 ? 4   GLU A CD  1 
ATOM   30  O  OE1 . GLU A 1 4  ? 16.836  0.269   3.497   1.00 33.84 ? 4   GLU A OE1 1 
ATOM   31  O  OE2 . GLU A 1 4  ? 18.003  -1.290  2.457   1.00 38.11 ? 4   GLU A OE2 1 
ATOM   32  N  N   . GLU A 1 5  ? 12.795  -0.283  5.746   1.00 17.98 ? 5   GLU A N   1 
ATOM   33  C  CA  . GLU A 1 5  ? 11.774  -0.048  6.734   1.00 17.87 ? 5   GLU A CA  1 
ATOM   34  C  C   . GLU A 1 5  ? 10.448  -0.314  6.082   1.00 15.66 ? 5   GLU A C   1 
ATOM   35  O  O   . GLU A 1 5  ? 9.580   -0.964  6.641   1.00 17.38 ? 5   GLU A O   1 
ATOM   36  C  CB  . GLU A 1 5  ? 11.809  1.398   7.168   1.00 17.71 ? 5   GLU A CB  1 
ATOM   37  C  CG  . GLU A 1 5  ? 12.967  1.772   7.961   1.00 21.43 ? 5   GLU A CG  1 
ATOM   38  C  CD  . GLU A 1 5  ? 12.943  3.276   8.324   1.00 26.99 ? 5   GLU A CD  1 
ATOM   39  O  OE1 . GLU A 1 5  ? 12.203  3.579   9.285   1.00 30.50 ? 5   GLU A OE1 1 
ATOM   40  O  OE2 . GLU A 1 5  ? 13.619  4.132   7.671   1.00 26.39 ? 5   GLU A OE2 1 
ATOM   41  N  N   . LEU A 1 6  ? 10.296  0.191   4.879   1.00 17.69 ? 6   LEU A N   1 
ATOM   42  C  CA  . LEU A 1 6  ? 9.056   -0.002  4.165   1.00 16.75 ? 6   LEU A CA  1 
ATOM   43  C  C   . LEU A 1 6  ? 8.757   -1.463  3.972   1.00 15.94 ? 6   LEU A C   1 
ATOM   44  O  O   . LEU A 1 6  ? 7.610   -1.871  4.130   1.00 18.28 ? 6   LEU A O   1 
ATOM   45  C  CB  . LEU A 1 6  ? 9.054   0.731   2.815   1.00 15.93 ? 6   LEU A CB  1 
ATOM   46  C  CG  . LEU A 1 6  ? 9.044   2.267   2.877   1.00 19.29 ? 6   LEU A CG  1 
ATOM   47  C  CD1 . LEU A 1 6  ? 8.876   2.800   1.452   1.00 21.86 ? 6   LEU A CD1 1 
ATOM   48  C  CD2 . LEU A 1 6  ? 7.918   2.770   3.736   1.00 20.73 ? 6   LEU A CD2 1 
ATOM   49  N  N   . LYS A 1 7  ? 9.768   -2.266  3.670   1.00 15.92 ? 7   LYS A N   1 
ATOM   50  C  CA  . LYS A 1 7  ? 9.533   -3.717  3.442   1.00 17.11 ? 7   LYS A CA  1 
ATOM   51  C  C   . LYS A 1 7  ? 8.980   -4.427  4.675   1.00 14.27 ? 7   LYS A C   1 
ATOM   52  O  O   . LYS A 1 7  ? 8.099   -5.293  4.571   1.00 16.15 ? 7   LYS A O   1 
ATOM   53  C  CB  . LYS A 1 7  ? 10.810  -4.430  2.965   1.00 17.51 ? 7   LYS A CB  1 
ATOM   54  C  CG  . LYS A 1 7  ? 10.623  -5.863  2.623   1.00 19.74 ? 7   LYS A CG  1 
ATOM   55  C  CD  . LYS A 1 7  ? 10.385  -5.991  1.125   1.00 25.83 ? 7   LYS A CD  1 
ATOM   56  C  CE  . LYS A 1 7  ? 9.940   -7.427  0.727   1.00 30.93 ? 7   LYS A CE  1 
ATOM   57  N  NZ  . LYS A 1 7  ? 11.060  -8.220  0.109   1.00 32.53 ? 7   LYS A NZ  1 
ATOM   58  N  N   . GLY A 1 8  ? 9.541   -4.098  5.828   1.00 14.39 ? 8   GLY A N   1 
ATOM   59  C  CA  . GLY A 1 8  ? 9.094   -4.665  7.087   1.00 15.86 ? 8   GLY A CA  1 
ATOM   60  C  C   . GLY A 1 8  ? 7.628   -4.349  7.318   1.00 16.52 ? 8   GLY A C   1 
ATOM   61  O  O   . GLY A 1 8  ? 6.889   -5.233  7.674   1.00 17.98 ? 8   GLY A O   1 
ATOM   62  N  N   . ILE A 1 9  ? 7.214   -3.096  7.106   1.00 16.41 ? 9   ILE A N   1 
ATOM   63  C  CA  . ILE A 1 9  ? 5.817   -2.686  7.267   1.00 16.18 ? 9   ILE A CA  1 
ATOM   64  C  C   . ILE A 1 9  ? 4.902   -3.481  6.293   1.00 14.52 ? 9   ILE A C   1 
ATOM   65  O  O   . ILE A 1 9  ? 3.880   -4.052  6.706   1.00 13.44 ? 9   ILE A O   1 
ATOM   66  C  CB  . ILE A 1 9  ? 5.668   -1.139  7.049   1.00 17.13 ? 9   ILE A CB  1 
ATOM   67  C  CG1 . ILE A 1 9  ? 6.330   -0.382  8.199   1.00 20.25 ? 9   ILE A CG1 1 
ATOM   68  C  CG2 . ILE A 1 9  ? 4.210   -0.710  6.975   1.00 19.07 ? 9   ILE A CG2 1 
ATOM   69  C  CD1 . ILE A 1 9  ? 6.548   1.105   7.879   1.00 17.99 ? 9   ILE A CD1 1 
ATOM   70  N  N   . PHE A 1 10 ? 5.263   -3.457  5.002   1.00 14.67 ? 10  PHE A N   1 
ATOM   71  C  CA  . PHE A 1 10 ? 4.543   -4.175  3.941   1.00 15.05 ? 10  PHE A CA  1 
ATOM   72  C  C   . PHE A 1 10 ? 4.319   -5.608  4.371   1.00 16.16 ? 10  PHE A C   1 
ATOM   73  O  O   . PHE A 1 10 ? 3.190   -6.048  4.408   1.00 17.71 ? 10  PHE A O   1 
ATOM   74  C  CB  . PHE A 1 10 ? 5.353   -4.140  2.607   1.00 12.66 ? 10  PHE A CB  1 
ATOM   75  C  CG  . PHE A 1 10 ? 4.699   -4.879  1.431   1.00 13.61 ? 10  PHE A CG  1 
ATOM   76  C  CD1 . PHE A 1 10 ? 4.926   -6.240  1.224   1.00 13.56 ? 10  PHE A CD1 1 
ATOM   77  C  CD2 . PHE A 1 10 ? 3.842   -4.233  0.567   1.00 11.43 ? 10  PHE A CD2 1 
ATOM   78  C  CE1 . PHE A 1 10 ? 4.304   -6.913  0.183   1.00 12.92 ? 10  PHE A CE1 1 
ATOM   79  C  CE2 . PHE A 1 10 ? 3.228   -4.925  -0.474  1.00 12.72 ? 10  PHE A CE2 1 
ATOM   80  C  CZ  . PHE A 1 10 ? 3.459   -6.270  -0.654  1.00 13.08 ? 10  PHE A CZ  1 
ATOM   81  N  N   . GLU A 1 11 ? 5.389   -6.313  4.740   1.00 18.62 ? 11  GLU A N   1 
ATOM   82  C  CA  . GLU A 1 11 ? 5.332   -7.739  5.141   1.00 22.26 ? 11  GLU A CA  1 
ATOM   83  C  C   . GLU A 1 11 ? 4.405   -8.031  6.303   1.00 22.26 ? 11  GLU A C   1 
ATOM   84  O  O   . GLU A 1 11 ? 3.816   -9.121  6.398   1.00 22.34 ? 11  GLU A O   1 
ATOM   85  C  CB  . GLU A 1 11 ? 6.687   -8.236  5.598   1.00 25.11 ? 11  GLU A CB  1 
ATOM   86  C  CG  . GLU A 1 11 ? 7.721   -8.354  4.563   1.00 30.72 ? 11  GLU A CG  1 
ATOM   87  C  CD  . GLU A 1 11 ? 8.870   -9.187  5.081   1.00 35.47 ? 11  GLU A CD  1 
ATOM   88  O  OE1 . GLU A 1 11 ? 9.288   -8.986  6.269   1.00 33.86 ? 11  GLU A OE1 1 
ATOM   89  O  OE2 . GLU A 1 11 ? 9.295   -10.087 4.300   1.00 41.48 ? 11  GLU A OE2 1 
ATOM   90  N  N   . LYS A 1 12 ? 4.431   -7.119  7.257   1.00 20.20 ? 12  LYS A N   1 
ATOM   91  C  CA  . LYS A 1 12 ? 3.634   -7.225  8.470   1.00 21.74 ? 12  LYS A CA  1 
ATOM   92  C  C   . LYS A 1 12 ? 2.146   -7.305  8.135   1.00 18.51 ? 12  LYS A C   1 
ATOM   93  O  O   . LYS A 1 12 ? 1.456   -8.205  8.557   1.00 18.97 ? 12  LYS A O   1 
ATOM   94  C  CB  . LYS A 1 12 ? 3.990   -6.018  9.361   1.00 25.40 ? 12  LYS A CB  1 
ATOM   95  C  CG  . LYS A 1 12 ? 3.173   -5.795  10.616  1.00 33.66 ? 12  LYS A CG  1 
ATOM   96  C  CD  . LYS A 1 12 ? 3.514   -4.417  11.229  1.00 40.12 ? 12  LYS A CD  1 
ATOM   97  C  CE  . LYS A 1 12 ? 2.690   -4.094  12.486  1.00 44.69 ? 12  LYS A CE  1 
ATOM   98  N  NZ  . LYS A 1 12 ? 2.860   -2.639  12.949  1.00 48.51 ? 12  LYS A NZ  1 
ATOM   99  N  N   . TYR A 1 13 ? 1.688   -6.434  7.257   1.00 16.87 ? 13  TYR A N   1 
ATOM   100 C  CA  . TYR A 1 13 ? 0.284   -6.410  6.873   1.00 18.12 ? 13  TYR A CA  1 
ATOM   101 C  C   . TYR A 1 13 ? -0.142  -7.446  5.803   1.00 19.29 ? 13  TYR A C   1 
ATOM   102 O  O   . TYR A 1 13 ? -1.288  -7.930  5.776   1.00 20.95 ? 13  TYR A O   1 
ATOM   103 C  CB  . TYR A 1 13 ? -0.085  -4.973  6.453   1.00 19.21 ? 13  TYR A CB  1 
ATOM   104 C  CG  . TYR A 1 13 ? -0.026  -3.998  7.618   1.00 20.07 ? 13  TYR A CG  1 
ATOM   105 C  CD1 . TYR A 1 13 ? 1.172   -3.343  7.968   1.00 18.20 ? 13  TYR A CD1 1 
ATOM   106 C  CD2 . TYR A 1 13 ? -1.195  -3.739  8.390   1.00 24.15 ? 13  TYR A CD2 1 
ATOM   107 C  CE1 . TYR A 1 13 ? 1.207   -2.470  9.044   1.00 20.33 ? 13  TYR A CE1 1 
ATOM   108 C  CE2 . TYR A 1 13 ? -1.179  -2.861  9.469   1.00 22.23 ? 13  TYR A CE2 1 
ATOM   109 C  CZ  . TYR A 1 13 ? 0.017   -2.234  9.792   1.00 22.47 ? 13  TYR A CZ  1 
ATOM   110 O  OH  . TYR A 1 13 ? 0.019   -1.406  10.876  1.00 23.75 ? 13  TYR A OH  1 
ATOM   111 N  N   . ALA A 1 14 ? 0.761   -7.766  4.889   1.00 17.16 ? 14  ALA A N   1 
ATOM   112 C  CA  . ALA A 1 14 ? 0.470   -8.753  3.877   1.00 17.82 ? 14  ALA A CA  1 
ATOM   113 C  C   . ALA A 1 14 ? 0.352   -10.142 4.538   1.00 19.73 ? 14  ALA A C   1 
ATOM   114 O  O   . ALA A 1 14 ? -0.319  -11.014 4.025   1.00 21.00 ? 14  ALA A O   1 
ATOM   115 C  CB  . ALA A 1 14 ? 1.569   -8.767  2.888   1.00 14.74 ? 14  ALA A CB  1 
ATOM   116 N  N   . ALA A 1 15 ? 1.020   -10.331 5.667   1.00 22.67 ? 15  ALA A N   1 
ATOM   117 C  CA  . ALA A 1 15 ? 1.031   -11.606 6.364   1.00 26.35 ? 15  ALA A CA  1 
ATOM   118 C  C   . ALA A 1 15 ? -0.310  -11.952 6.977   1.00 29.41 ? 15  ALA A C   1 
ATOM   119 O  O   . ALA A 1 15 ? -0.595  -13.132 7.167   1.00 28.66 ? 15  ALA A O   1 
ATOM   120 C  CB  . ALA A 1 15 ? 2.116   -11.633 7.400   1.00 23.74 ? 15  ALA A CB  1 
ATOM   121 N  N   . LYS A 1 16 ? -1.125  -10.926 7.268   1.00 33.73 ? 16  LYS A N   1 
ATOM   122 C  CA  . LYS A 1 16 ? -2.477  -11.058 7.836   1.00 34.75 ? 16  LYS A CA  1 
ATOM   123 C  C   . LYS A 1 16 ? -3.313  -12.118 7.107   1.00 35.39 ? 16  LYS A C   1 
ATOM   124 O  O   . LYS A 1 16 ? -3.973  -12.961 7.732   1.00 39.11 ? 16  LYS A O   1 
ATOM   125 C  CB  . LYS A 1 16 ? -3.211  -9.710  7.777   1.00 37.46 ? 16  LYS A CB  1 
ATOM   126 C  CG  . LYS A 1 16 ? -2.545  -8.556  8.521   1.00 42.36 ? 16  LYS A CG  1 
ATOM   127 C  CD  . LYS A 1 16 ? -2.880  -8.570  9.975   1.00 48.73 ? 16  LYS A CD  1 
ATOM   128 C  CE  . LYS A 1 16 ? -2.274  -9.798  10.667  1.00 54.66 ? 16  LYS A CE  1 
ATOM   129 N  NZ  . LYS A 1 16 ? -2.805  -10.143 12.048  1.00 56.84 ? 16  LYS A NZ  1 
ATOM   130 N  N   . GLU A 1 17 ? -3.304  -12.093 5.788   1.00 34.50 ? 17  GLU A N   1 
ATOM   131 C  CA  . GLU A 1 17 ? -4.060  -13.083 5.046   1.00 32.48 ? 17  GLU A CA  1 
ATOM   132 C  C   . GLU A 1 17 ? -3.626  -13.142 3.601   1.00 30.49 ? 17  GLU A C   1 
ATOM   133 O  O   . GLU A 1 17 ? -2.965  -12.233 3.098   1.00 31.19 ? 17  GLU A O   1 
ATOM   134 C  CB  . GLU A 1 17 ? -5.578  -12.786 5.122   1.00 37.89 ? 17  GLU A CB  1 
ATOM   135 C  CG  . GLU A 1 17 ? -6.156  -11.476 4.440   1.00 42.83 ? 17  GLU A CG  1 
ATOM   136 C  CD  . GLU A 1 17 ? -6.192  -10.202 5.357   1.00 46.79 ? 17  GLU A CD  1 
ATOM   137 O  OE1 . GLU A 1 17 ? -6.161  -10.307 6.604   1.00 50.69 ? 17  GLU A OE1 1 
ATOM   138 O  OE2 . GLU A 1 17 ? -6.286  -9.074  4.820   1.00 48.65 ? 17  GLU A OE2 1 
ATOM   139 N  N   . GLY A 1 18 ? -3.973  -14.238 2.943   1.00 27.27 ? 18  GLY A N   1 
ATOM   140 C  CA  . GLY A 1 18 ? -3.679  -14.386 1.531   1.00 23.41 ? 18  GLY A CA  1 
ATOM   141 C  C   . GLY A 1 18 ? -2.216  -14.563 1.223   1.00 22.42 ? 18  GLY A C   1 
ATOM   142 O  O   . GLY A 1 18 ? -1.489  -15.200 1.992   1.00 20.51 ? 18  GLY A O   1 
ATOM   143 N  N   . ASP A 1 19 ? -1.795  -13.999 0.100   1.00 21.74 ? 19  ASP A N   1 
ATOM   144 C  CA  . ASP A 1 19 ? -0.406  -14.107 -0.351  1.00 23.21 ? 19  ASP A CA  1 
ATOM   145 C  C   . ASP A 1 19 ? 0.486   -13.186 0.501   1.00 21.65 ? 19  ASP A C   1 
ATOM   146 O  O   . ASP A 1 19 ? 0.275   -11.958 0.570   1.00 20.74 ? 19  ASP A O   1 
ATOM   147 C  CB  . ASP A 1 19 ? -0.363  -13.727 -1.818  1.00 25.75 ? 19  ASP A CB  1 
ATOM   148 C  CG  . ASP A 1 19 ? 0.912   -14.123 -2.492  1.00 28.04 ? 19  ASP A CG  1 
ATOM   149 O  OD1 . ASP A 1 19 ? 1.997   -13.928 -1.936  1.00 32.27 ? 19  ASP A OD1 1 
ATOM   150 O  OD2 . ASP A 1 19 ? 0.825   -14.604 -3.629  1.00 35.30 ? 19  ASP A OD2 1 
ATOM   151 N  N   . PRO A 1 20 ? 1.521   -13.758 1.120   1.00 19.92 ? 20  PRO A N   1 
ATOM   152 C  CA  . PRO A 1 20 ? 2.358   -12.904 1.932   1.00 18.98 ? 20  PRO A CA  1 
ATOM   153 C  C   . PRO A 1 20 ? 3.201   -11.918 1.151   1.00 18.10 ? 20  PRO A C   1 
ATOM   154 O  O   . PRO A 1 20 ? 3.922   -11.134 1.752   1.00 20.55 ? 20  PRO A O   1 
ATOM   155 C  CB  . PRO A 1 20 ? 3.219   -13.907 2.690   1.00 20.51 ? 20  PRO A CB  1 
ATOM   156 C  CG  . PRO A 1 20 ? 3.418   -14.961 1.711   1.00 20.36 ? 20  PRO A CG  1 
ATOM   157 C  CD  . PRO A 1 20 ? 2.015   -15.146 1.156   1.00 22.07 ? 20  PRO A CD  1 
ATOM   158 N  N   . ASN A 1 21 ? 3.140   -11.937 -0.167  1.00 18.89 ? 21  ASN A N   1 
ATOM   159 C  CA  . ASN A 1 21 ? 3.948   -11.007 -0.978  1.00 21.08 ? 21  ASN A CA  1 
ATOM   160 C  C   . ASN A 1 21 ? 3.085   -10.001 -1.711  1.00 21.40 ? 21  ASN A C   1 
ATOM   161 O  O   . ASN A 1 21 ? 3.565   -9.328  -2.624  1.00 19.92 ? 21  ASN A O   1 
ATOM   162 C  CB  . ASN A 1 21 ? 4.789   -11.760 -2.002  1.00 24.72 ? 21  ASN A CB  1 
ATOM   163 C  CG  . ASN A 1 21 ? 5.708   -12.772 -1.338  1.00 30.89 ? 21  ASN A CG  1 
ATOM   164 O  OD1 . ASN A 1 21 ? 6.627   -12.381 -0.598  1.00 31.97 ? 21  ASN A OD1 1 
ATOM   165 N  ND2 . ASN A 1 21 ? 5.401   -14.087 -1.499  1.00 32.44 ? 21  ASN A ND2 1 
ATOM   166 N  N   . GLN A 1 22 ? 1.811   -9.930  -1.311  1.00 22.05 ? 22  GLN A N   1 
ATOM   167 C  CA  . GLN A 1 22 ? 0.826   -9.037  -1.899  1.00 21.16 ? 22  GLN A CA  1 
ATOM   168 C  C   . GLN A 1 22 ? 0.040   -8.389  -0.779  1.00 17.73 ? 22  GLN A C   1 
ATOM   169 O  O   . GLN A 1 22 ? -0.184  -8.985  0.248   1.00 16.12 ? 22  GLN A O   1 
ATOM   170 C  CB  . GLN A 1 22 ? -0.172  -9.809  -2.769  1.00 27.68 ? 22  GLN A CB  1 
ATOM   171 C  CG  . GLN A 1 22 ? 0.412   -10.593 -3.892  1.00 35.33 ? 22  GLN A CG  1 
ATOM   172 C  CD  . GLN A 1 22 ? 1.076   -9.703  -4.925  1.00 43.93 ? 22  GLN A CD  1 
ATOM   173 O  OE1 . GLN A 1 22 ? 0.388   -9.019  -5.701  1.00 47.09 ? 22  GLN A OE1 1 
ATOM   174 N  NE2 . GLN A 1 22 ? 2.426   -9.712  -4.964  1.00 47.72 ? 22  GLN A NE2 1 
ATOM   175 N  N   . LEU A 1 23 ? -0.428  -7.172  -1.044  1.00 18.78 ? 23  LEU A N   1 
ATOM   176 C  CA  . LEU A 1 23 ? -1.227  -6.354  -0.126  1.00 16.47 ? 23  LEU A CA  1 
ATOM   177 C  C   . LEU A 1 23 ? -2.562  -6.073  -0.817  1.00 16.51 ? 23  LEU A C   1 
ATOM   178 O  O   . LEU A 1 23 ? -2.561  -5.563  -1.946  1.00 16.62 ? 23  LEU A O   1 
ATOM   179 C  CB  . LEU A 1 23 ? -0.518  -5.025  0.066   1.00 18.75 ? 23  LEU A CB  1 
ATOM   180 C  CG  . LEU A 1 23 ? -0.653  -4.177  1.317   1.00 22.35 ? 23  LEU A CG  1 
ATOM   181 C  CD1 . LEU A 1 23 ? -0.261  -4.999  2.569   1.00 21.21 ? 23  LEU A CD1 1 
ATOM   182 C  CD2 . LEU A 1 23 ? 0.248   -2.952  1.173   1.00 20.56 ? 23  LEU A CD2 1 
ATOM   183 N  N   . SER A 1 24 ? -3.692  -6.437  -0.216  1.00 14.45 ? 24  SER A N   1 
ATOM   184 C  CA  . SER A 1 24 ? -4.991  -6.102  -0.857  1.00 17.48 ? 24  SER A CA  1 
ATOM   185 C  C   . SER A 1 24 ? -5.345  -4.659  -0.488  1.00 16.23 ? 24  SER A C   1 
ATOM   186 O  O   . SER A 1 24 ? -4.687  -4.086  0.382   1.00 15.66 ? 24  SER A O   1 
ATOM   187 C  CB  . SER A 1 24 ? -6.121  -7.005  -0.354  1.00 14.71 ? 24  SER A CB  1 
ATOM   188 O  OG  . SER A 1 24 ? -6.136  -6.967  1.058   1.00 18.11 ? 24  SER A OG  1 
ATOM   189 N  N   . LYS A 1 25 ? -6.388  -4.086  -1.095  1.00 15.90 ? 25  LYS A N   1 
ATOM   190 C  CA  . LYS A 1 25 ? -6.761  -2.735  -0.720  1.00 17.69 ? 25  LYS A CA  1 
ATOM   191 C  C   . LYS A 1 25 ? -7.117  -2.500  0.770   1.00 18.43 ? 25  LYS A C   1 
ATOM   192 O  O   . LYS A 1 25 ? -6.714  -1.502  1.348   1.00 17.62 ? 25  LYS A O   1 
ATOM   193 C  CB  . LYS A 1 25 ? -7.831  -2.177  -1.621  1.00 20.22 ? 25  LYS A CB  1 
ATOM   194 C  CG  . LYS A 1 25 ? -7.876  -0.699  -1.414  1.00 24.88 ? 25  LYS A CG  1 
ATOM   195 C  CD  . LYS A 1 25 ? -8.347  0.058   -2.614  1.00 30.20 ? 25  LYS A CD  1 
ATOM   196 C  CE  . LYS A 1 25 ? -9.750  -0.331  -2.939  1.00 33.27 ? 25  LYS A CE  1 
ATOM   197 N  NZ  . LYS A 1 25 ? -10.150 0.357   -4.190  1.00 37.22 ? 25  LYS A NZ  1 
ATOM   198 N  N   . GLU A 1 26 ? -7.845  -3.431  1.400   1.00 19.83 ? 26  GLU A N   1 
ATOM   199 C  CA  . GLU A 1 26 ? -8.202  -3.301  2.814   1.00 20.26 ? 26  GLU A CA  1 
ATOM   200 C  C   . GLU A 1 26 ? -6.979  -3.392  3.677   1.00 16.69 ? 26  GLU A C   1 
ATOM   201 O  O   . GLU A 1 26 ? -6.916  -2.700  4.655   1.00 18.08 ? 26  GLU A O   1 
ATOM   202 C  CB  . GLU A 1 26 ? -9.152  -4.388  3.253   1.00 26.00 ? 26  GLU A CB  1 
ATOM   203 C  CG  . GLU A 1 26 ? -10.382 -4.507  2.401   1.00 35.48 ? 26  GLU A CG  1 
ATOM   204 C  CD  . GLU A 1 26 ? -11.448 -5.429  3.028   1.00 42.73 ? 26  GLU A CD  1 
ATOM   205 O  OE1 . GLU A 1 26 ? -11.108 -6.549  3.550   1.00 44.76 ? 26  GLU A OE1 1 
ATOM   206 O  OE2 . GLU A 1 26 ? -12.635 -4.998  3.006   1.00 48.48 ? 26  GLU A OE2 1 
ATOM   207 N  N   . GLU A 1 27 ? -6.047  -4.296  3.352   1.00 14.87 ? 27  GLU A N   1 
ATOM   208 C  CA  . GLU A 1 27 ? -4.787  -4.415  4.098   1.00 15.04 ? 27  GLU A CA  1 
ATOM   209 C  C   . GLU A 1 27 ? -4.006  -3.069  3.983   1.00 13.85 ? 27  GLU A C   1 
ATOM   210 O  O   . GLU A 1 27 ? -3.414  -2.606  4.964   1.00 17.18 ? 27  GLU A O   1 
ATOM   211 C  CB  . GLU A 1 27 ? -3.922  -5.596  3.586   1.00 17.46 ? 27  GLU A CB  1 
ATOM   212 C  CG  . GLU A 1 27 ? -4.259  -6.954  4.190   1.00 18.76 ? 27  GLU A CG  1 
ATOM   213 C  CD  . GLU A 1 27 ? -3.687  -8.165  3.424   1.00 22.95 ? 27  GLU A CD  1 
ATOM   214 O  OE1 . GLU A 1 27 ? -3.411  -8.081  2.220   1.00 23.11 ? 27  GLU A OE1 1 
ATOM   215 O  OE2 . GLU A 1 27 ? -3.549  -9.243  4.029   1.00 27.50 ? 27  GLU A OE2 1 
ATOM   216 N  N   . LEU A 1 28 ? -4.006  -2.465  2.792   1.00 12.25 ? 28  LEU A N   1 
ATOM   217 C  CA  . LEU A 1 28 ? -3.344  -1.188  2.554   1.00 12.37 ? 28  LEU A CA  1 
ATOM   218 C  C   . LEU A 1 28 ? -4.075  -0.065  3.353   1.00 14.78 ? 28  LEU A C   1 
ATOM   219 O  O   . LEU A 1 28 ? -3.428  0.788   3.924   1.00 14.59 ? 28  LEU A O   1 
ATOM   220 C  CB  . LEU A 1 28 ? -3.318  -0.887  1.056   1.00 11.62 ? 28  LEU A CB  1 
ATOM   221 C  CG  . LEU A 1 28 ? -2.747  0.499   0.709   1.00 13.98 ? 28  LEU A CG  1 
ATOM   222 C  CD1 . LEU A 1 28 ? -1.330  0.606   1.234   1.00 14.57 ? 28  LEU A CD1 1 
ATOM   223 C  CD2 . LEU A 1 28 ? -2.792  0.740   -0.768  1.00 14.28 ? 28  LEU A CD2 1 
ATOM   224 N  N   . LYS A 1 29 ? -5.410  -0.091  3.449   1.00 16.44 ? 29  LYS A N   1 
ATOM   225 C  CA  . LYS A 1 29 ? -6.093  0.953   4.211   1.00 14.73 ? 29  LYS A CA  1 
ATOM   226 C  C   . LYS A 1 29 ? -5.721  0.894   5.678   1.00 16.61 ? 29  LYS A C   1 
ATOM   227 O  O   . LYS A 1 29 ? -5.459  1.940   6.288   1.00 19.05 ? 29  LYS A O   1 
ATOM   228 C  CB  . LYS A 1 29 ? -7.584  0.867   4.041   1.00 14.73 ? 29  LYS A CB  1 
ATOM   229 C  CG  . LYS A 1 29 ? -8.041  1.355   2.728   1.00 14.15 ? 29  LYS A CG  1 
ATOM   230 C  CD  . LYS A 1 29 ? -9.500  1.165   2.652   1.00 22.16 ? 29  LYS A CD  1 
ATOM   231 C  CE  . LYS A 1 29 ? -10.025 1.709   1.361   1.00 29.81 ? 29  LYS A CE  1 
ATOM   232 N  NZ  . LYS A 1 29 ? -11.301 0.996   0.970   1.00 36.97 ? 29  LYS A NZ  1 
ATOM   233 N  N   . LEU A 1 30 ? -5.619  -0.317  6.242   1.00 17.97 ? 30  LEU A N   1 
ATOM   234 C  CA  . LEU A 1 30 ? -5.220  -0.490  7.665   1.00 18.70 ? 30  LEU A CA  1 
ATOM   235 C  C   . LEU A 1 30 ? -3.773  -0.030  7.901   1.00 17.43 ? 30  LEU A C   1 
ATOM   236 O  O   . LEU A 1 30 ? -3.463  0.612   8.891   1.00 16.68 ? 30  LEU A O   1 
ATOM   237 C  CB  . LEU A 1 30 ? -5.355  -1.959  8.106   1.00 20.24 ? 30  LEU A CB  1 
ATOM   238 C  CG  . LEU A 1 30 ? -6.701  -2.512  8.592   1.00 24.38 ? 30  LEU A CG  1 
ATOM   239 C  CD1 . LEU A 1 30 ? -6.472  -3.997  8.731   1.00 25.81 ? 30  LEU A CD1 1 
ATOM   240 C  CD2 . LEU A 1 30 ? -7.180  -1.879  9.921   1.00 22.67 ? 30  LEU A CD2 1 
ATOM   241 N  N   . LEU A 1 31 ? -2.891  -0.425  6.988   1.00 16.75 ? 31  LEU A N   1 
ATOM   242 C  CA  . LEU A 1 31 ? -1.495  -0.049  7.062   1.00 14.58 ? 31  LEU A CA  1 
ATOM   243 C  C   . LEU A 1 31 ? -1.370  1.480   7.057   1.00 13.97 ? 31  LEU A C   1 
ATOM   244 O  O   . LEU A 1 31 ? -0.688  2.011   7.900   1.00 16.12 ? 31  LEU A O   1 
ATOM   245 C  CB  . LEU A 1 31 ? -0.755  -0.681  5.870   1.00 13.28 ? 31  LEU A CB  1 
ATOM   246 C  CG  . LEU A 1 31 ? 0.764   -0.617  5.712   1.00 13.66 ? 31  LEU A CG  1 
ATOM   247 C  CD1 . LEU A 1 31 ? 1.217   -1.596  4.642   1.00 12.61 ? 31  LEU A CD1 1 
ATOM   248 C  CD2 . LEU A 1 31 ? 1.236   0.785   5.345   1.00 15.89 ? 31  LEU A CD2 1 
ATOM   249 N  N   . LEU A 1 32 ? -2.039  2.183   6.136   1.00 14.26 ? 32  LEU A N   1 
ATOM   250 C  CA  . LEU A 1 32 ? -1.935  3.655   6.030   1.00 16.30 ? 32  LEU A CA  1 
ATOM   251 C  C   . LEU A 1 32 ? -2.469  4.278   7.277   1.00 18.71 ? 32  LEU A C   1 
ATOM   252 O  O   . LEU A 1 32 ? -1.896  5.165   7.866   1.00 16.68 ? 32  LEU A O   1 
ATOM   253 C  CB  . LEU A 1 32 ? -2.726  4.216   4.850   1.00 15.88 ? 32  LEU A CB  1 
ATOM   254 C  CG  . LEU A 1 32 ? -2.202  3.923   3.467   1.00 18.51 ? 32  LEU A CG  1 
ATOM   255 C  CD1 . LEU A 1 32 ? -3.071  4.542   2.464   1.00 19.44 ? 32  LEU A CD1 1 
ATOM   256 C  CD2 . LEU A 1 32 ? -0.787  4.389   3.325   1.00 19.06 ? 32  LEU A CD2 1 
ATOM   257 N  N   . GLN A 1 33 ? -3.594  3.763   7.686   1.00 21.38 ? 33  GLN A N   1 
ATOM   258 C  CA  . GLN A 1 33 ? -4.218  4.245   8.889   1.00 26.74 ? 33  GLN A CA  1 
ATOM   259 C  C   . GLN A 1 33 ? -3.274  4.176   10.108  1.00 25.17 ? 33  GLN A C   1 
ATOM   260 O  O   . GLN A 1 33 ? -3.208  5.109   10.924  1.00 24.52 ? 33  GLN A O   1 
ATOM   261 C  CB  . GLN A 1 33 ? -5.478  3.380   9.150   1.00 33.68 ? 33  GLN A CB  1 
ATOM   262 C  CG  . GLN A 1 33 ? -6.291  3.678   10.440  1.00 41.15 ? 33  GLN A CG  1 
ATOM   263 C  CD  . GLN A 1 33 ? -7.223  2.517   10.836  1.00 44.71 ? 33  GLN A CD  1 
ATOM   264 O  OE1 . GLN A 1 33 ? -6.822  1.604   11.590  1.00 47.25 ? 33  GLN A OE1 1 
ATOM   265 N  NE2 . GLN A 1 33 ? -8.459  2.543   10.323  1.00 42.77 ? 33  GLN A NE2 1 
ATOM   266 N  N   . THR A 1 34 ? -2.568  3.085   10.291  1.00 22.13 ? 34  THR A N   1 
ATOM   267 C  CA  . THR A 1 34 ? -1.790  3.087   11.478  1.00 21.53 ? 34  THR A CA  1 
ATOM   268 C  C   . THR A 1 34 ? -0.374  3.535   11.337  1.00 22.27 ? 34  THR A C   1 
ATOM   269 O  O   . THR A 1 34 ? 0.152   4.176   12.264  1.00 20.89 ? 34  THR A O   1 
ATOM   270 C  CB  . THR A 1 34 ? -1.985  1.819   12.313  1.00 26.06 ? 34  THR A CB  1 
ATOM   271 O  OG1 . THR A 1 34 ? -0.745  1.159   12.533  1.00 29.58 ? 34  THR A OG1 1 
ATOM   272 C  CG2 . THR A 1 34 ? -2.968  0.881   11.699  1.00 27.78 ? 34  THR A CG2 1 
ATOM   273 N  N   . GLU A 1 35 ? 0.167   3.374   10.119  1.00 20.03 ? 35  GLU A N   1 
ATOM   274 C  CA  . GLU A 1 35 ? 1.556   3.734   9.809   1.00 20.49 ? 35  GLU A CA  1 
ATOM   275 C  C   . GLU A 1 35 ? 1.834   5.125   9.181   1.00 20.19 ? 35  GLU A C   1 
ATOM   276 O  O   . GLU A 1 35 ? 2.933   5.700   9.360   1.00 17.83 ? 35  GLU A O   1 
ATOM   277 C  CB  . GLU A 1 35 ? 2.209   2.667   8.891   1.00 21.49 ? 35  GLU A CB  1 
ATOM   278 C  CG  . GLU A 1 35 ? 2.289   1.249   9.402   1.00 24.52 ? 35  GLU A CG  1 
ATOM   279 C  CD  . GLU A 1 35 ? 3.062   1.080   10.709  1.00 26.00 ? 35  GLU A CD  1 
ATOM   280 O  OE1 . GLU A 1 35 ? 4.045   1.804   10.978  1.00 26.55 ? 35  GLU A OE1 1 
ATOM   281 O  OE2 . GLU A 1 35 ? 2.697   0.151   11.466  1.00 30.33 ? 35  GLU A OE2 1 
ATOM   282 N  N   . PHE A 1 36 ? 0.907   5.611   8.347   1.00 19.89 ? 36  PHE A N   1 
ATOM   283 C  CA  . PHE A 1 36 ? 1.076   6.900   7.649   1.00 20.39 ? 36  PHE A CA  1 
ATOM   284 C  C   . PHE A 1 36 ? -0.253  7.606   7.700   1.00 21.59 ? 36  PHE A C   1 
ATOM   285 O  O   . PHE A 1 36 ? -0.797  7.963   6.677   1.00 20.16 ? 36  PHE A O   1 
ATOM   286 C  CB  . PHE A 1 36 ? 1.414   6.668   6.170   1.00 21.29 ? 36  PHE A CB  1 
ATOM   287 C  CG  . PHE A 1 36 ? 2.623   5.813   5.946   1.00 20.82 ? 36  PHE A CG  1 
ATOM   288 C  CD1 . PHE A 1 36 ? 3.893   6.366   5.986   1.00 21.78 ? 36  PHE A CD1 1 
ATOM   289 C  CD2 . PHE A 1 36 ? 2.495   4.453   5.733   1.00 21.04 ? 36  PHE A CD2 1 
ATOM   290 C  CE1 . PHE A 1 36 ? 5.034   5.555   5.818   1.00 24.86 ? 36  PHE A CE1 1 
ATOM   291 C  CE2 . PHE A 1 36 ? 3.635   3.627   5.562   1.00 24.45 ? 36  PHE A CE2 1 
ATOM   292 C  CZ  . PHE A 1 36 ? 4.900   4.186   5.602   1.00 22.89 ? 36  PHE A CZ  1 
ATOM   293 N  N   . PRO A 1 37 ? -0.790  7.819   8.899   1.00 22.48 ? 37  PRO A N   1 
ATOM   294 C  CA  . PRO A 1 37 ? -2.093  8.483   9.065   1.00 25.80 ? 37  PRO A CA  1 
ATOM   295 C  C   . PRO A 1 37 ? -2.226  9.799   8.304   1.00 27.88 ? 37  PRO A C   1 
ATOM   296 O  O   . PRO A 1 37 ? -3.296  10.089  7.773   1.00 26.75 ? 37  PRO A O   1 
ATOM   297 C  CB  . PRO A 1 37 ? -2.205  8.682   10.593  1.00 25.36 ? 37  PRO A CB  1 
ATOM   298 C  CG  . PRO A 1 37 ? -0.785  8.697   11.073  1.00 26.70 ? 37  PRO A CG  1 
ATOM   299 C  CD  . PRO A 1 37 ? -0.098  7.651   10.188  1.00 24.75 ? 37  PRO A CD  1 
ATOM   300 N  N   . SER A 1 38 ? -1.131  10.563  8.230   1.00 28.37 ? 38  SER A N   1 
ATOM   301 C  CA  . SER A 1 38 ? -1.131  11.824  7.531   1.00 32.48 ? 38  SER A CA  1 
ATOM   302 C  C   . SER A 1 38 ? -1.357  11.652  6.029   1.00 33.70 ? 38  SER A C   1 
ATOM   303 O  O   . SER A 1 38 ? -1.752  12.586  5.355   1.00 36.11 ? 38  SER A O   1 
ATOM   304 C  CB  . SER A 1 38 ? 0.168   12.587  7.812   1.00 31.72 ? 38  SER A CB  1 
ATOM   305 O  OG  . SER A 1 38 ? 1.295   12.050  7.143   1.00 37.50 ? 38  SER A OG  1 
ATOM   306 N  N   . LEU A 1 39 ? -1.147  10.457  5.500   1.00 35.82 ? 39  LEU A N   1 
ATOM   307 C  CA  . LEU A 1 39 ? -1.351  10.237  4.060   1.00 37.83 ? 39  LEU A CA  1 
ATOM   308 C  C   . LEU A 1 39 ? -2.804  9.970   3.708   1.00 40.06 ? 39  LEU A C   1 
ATOM   309 O  O   . LEU A 1 39 ? -3.157  9.944   2.530   1.00 42.09 ? 39  LEU A O   1 
ATOM   310 C  CB  . LEU A 1 39 ? -0.456  9.112   3.514   1.00 35.50 ? 39  LEU A CB  1 
ATOM   311 C  CG  . LEU A 1 39 ? 1.061   9.324   3.635   1.00 33.97 ? 39  LEU A CG  1 
ATOM   312 C  CD1 . LEU A 1 39 ? 1.763   8.307   2.767   1.00 34.19 ? 39  LEU A CD1 1 
ATOM   313 C  CD2 . LEU A 1 39 ? 1.453   10.731  3.213   1.00 33.05 ? 39  LEU A CD2 1 
ATOM   314 N  N   . LEU A 1 40 ? -3.650  9.787   4.724   1.00 41.14 ? 40  LEU A N   1 
ATOM   315 C  CA  . LEU A 1 40 ? -5.084  9.563   4.516   1.00 41.88 ? 40  LEU A CA  1 
ATOM   316 C  C   . LEU A 1 40 ? -5.951  10.845  4.737   1.00 41.87 ? 40  LEU A C   1 
ATOM   317 O  O   . LEU A 1 40 ? -7.159  10.786  4.978   1.00 40.45 ? 40  LEU A O   1 
ATOM   318 C  CB  . LEU A 1 40 ? -5.552  8.404   5.400   1.00 42.34 ? 40  LEU A CB  1 
ATOM   319 C  CG  . LEU A 1 40 ? -5.200  6.970   5.001   1.00 42.07 ? 40  LEU A CG  1 
ATOM   320 C  CD1 . LEU A 1 40 ? -5.635  6.062   6.140   1.00 42.41 ? 40  LEU A CD1 1 
ATOM   321 C  CD2 . LEU A 1 40 ? -5.901  6.561   3.690   1.00 40.40 ? 40  LEU A CD2 1 
ATOM   322 N  N   . LYS A 1 41 ? -5.321  12.003  4.592   1.00 44.63 ? 41  LYS A N   1 
ATOM   323 C  CA  . LYS A 1 41 ? -5.997  13.287  4.765   1.00 47.37 ? 41  LYS A CA  1 
ATOM   324 C  C   . LYS A 1 41 ? -6.446  13.917  3.445   1.00 48.01 ? 41  LYS A C   1 
ATOM   325 O  O   . LYS A 1 41 ? -5.771  13.799  2.384   1.00 47.62 ? 41  LYS A O   1 
ATOM   326 C  CB  . LYS A 1 41 ? -5.117  14.335  5.512   1.00 50.62 ? 41  LYS A CB  1 
ATOM   327 C  CG  . LYS A 1 41 ? -4.724  14.068  7.010   1.00 52.21 ? 41  LYS A CG  1 
ATOM   328 C  CD  . LYS A 1 41 ? -5.927  13.825  7.949   1.00 53.43 ? 41  LYS A CD  1 
ATOM   329 C  CE  . LYS A 1 41 ? -5.521  13.991  9.420   1.00 54.17 ? 41  LYS A CE  1 
ATOM   330 N  NZ  . LYS A 1 41 ? -5.995  12.899  10.326  1.00 54.54 ? 41  LYS A NZ  1 
ATOM   331 N  N   . GLY A 1 42 ? -7.552  14.663  3.576   1.00 46.90 ? 42  GLY A N   1 
ATOM   332 C  CA  . GLY A 1 42 ? -8.158  15.396  2.474   1.00 42.80 ? 42  GLY A CA  1 
ATOM   333 C  C   . GLY A 1 42 ? -8.708  14.471  1.419   1.00 39.98 ? 42  GLY A C   1 
ATOM   334 O  O   . GLY A 1 42 ? -8.836  13.264  1.682   1.00 40.38 ? 42  GLY A O   1 
ATOM   335 N  N   . PRO A 1 43 ? -9.065  14.999  0.222   1.00 35.47 ? 43  PRO A N   1 
ATOM   336 C  CA  . PRO A 1 43 ? -9.599  14.158  -0.856  1.00 31.92 ? 43  PRO A CA  1 
ATOM   337 C  C   . PRO A 1 43 ? -8.557  13.077  -1.243  1.00 31.11 ? 43  PRO A C   1 
ATOM   338 O  O   . PRO A 1 43 ? -7.412  13.393  -1.564  1.00 30.70 ? 43  PRO A O   1 
ATOM   339 C  CB  . PRO A 1 43 ? -9.835  15.180  -1.974  1.00 31.30 ? 43  PRO A CB  1 
ATOM   340 C  CG  . PRO A 1 43 ? -8.891  16.296  -1.653  1.00 30.08 ? 43  PRO A CG  1 
ATOM   341 C  CD  . PRO A 1 43 ? -8.966  16.405  -0.188  1.00 32.32 ? 43  PRO A CD  1 
ATOM   342 N  N   . SER A 1 44 ? -8.940  11.809  -1.239  1.00 30.29 ? 44  SER A N   1 
ATOM   343 C  CA  . SER A 1 44 ? -7.935  10.781  -1.573  1.00 30.58 ? 44  SER A CA  1 
ATOM   344 C  C   . SER A 1 44 ? -7.806  10.378  -3.030  1.00 25.33 ? 44  SER A C   1 
ATOM   345 O  O   . SER A 1 44 ? -8.782  10.292  -3.776  1.00 23.10 ? 44  SER A O   1 
ATOM   346 C  CB  . SER A 1 44 ? -8.113  9.468   -0.759  1.00 32.36 ? 44  SER A CB  1 
ATOM   347 O  OG  . SER A 1 44 ? -6.853  8.797   -0.605  1.00 33.86 ? 44  SER A OG  1 
ATOM   348 N  N   . THR A 1 45 ? -6.570  10.052  -3.377  1.00 22.63 ? 45  THR A N   1 
ATOM   349 C  CA  . THR A 1 45 ? -6.248  9.552   -4.690  1.00 20.93 ? 45  THR A CA  1 
ATOM   350 C  C   . THR A 1 45 ? -5.848  8.048   -4.531  1.00 19.28 ? 45  THR A C   1 
ATOM   351 O  O   . THR A 1 45 ? -5.316  7.450   -5.468  1.00 18.22 ? 45  THR A O   1 
ATOM   352 C  CB  . THR A 1 45 ? -5.086  10.337  -5.297  1.00 18.70 ? 45  THR A CB  1 
ATOM   353 O  OG1 . THR A 1 45 ? -3.970  10.217  -4.434  1.00 19.75 ? 45  THR A OG1 1 
ATOM   354 C  CG2 . THR A 1 45 ? -5.462  11.825  -5.475  1.00 19.35 ? 45  THR A CG2 1 
ATOM   355 N  N   . LEU A 1 46 ? -6.181  7.440   -3.390  1.00 18.22 ? 46  LEU A N   1 
ATOM   356 C  CA  . LEU A 1 46 ? -5.843  6.040   -3.116  1.00 19.42 ? 46  LEU A CA  1 
ATOM   357 C  C   . LEU A 1 46 ? -6.451  5.105   -4.153  1.00 20.36 ? 46  LEU A C   1 
ATOM   358 O  O   . LEU A 1 46 ? -5.754  4.259   -4.709  1.00 18.19 ? 46  LEU A O   1 
ATOM   359 C  CB  . LEU A 1 46 ? -6.268  5.575   -1.683  1.00 20.96 ? 46  LEU A CB  1 
ATOM   360 C  CG  . LEU A 1 46 ? -6.129  4.053   -1.365  1.00 20.68 ? 46  LEU A CG  1 
ATOM   361 C  CD1 . LEU A 1 46 ? -4.708  3.666   -1.396  1.00 21.19 ? 46  LEU A CD1 1 
ATOM   362 C  CD2 . LEU A 1 46 ? -6.659  3.723   -0.021  1.00 22.75 ? 46  LEU A CD2 1 
ATOM   363 N  N   . ASP A 1 47 ? -7.743  5.240   -4.431  1.00 20.74 ? 47  ASP A N   1 
ATOM   364 C  CA  . ASP A 1 47 ? -8.327  4.333   -5.411  1.00 22.85 ? 47  ASP A CA  1 
ATOM   365 C  C   . ASP A 1 47 ? -7.783  4.505   -6.838  1.00 19.82 ? 47  ASP A C   1 
ATOM   366 O  O   . ASP A 1 47 ? -7.593  3.530   -7.545  1.00 18.78 ? 47  ASP A O   1 
ATOM   367 C  CB  . ASP A 1 47 ? -9.849  4.393   -5.361  1.00 28.28 ? 47  ASP A CB  1 
ATOM   368 C  CG  . ASP A 1 47 ? -10.404 4.169   -3.934  1.00 34.40 ? 47  ASP A CG  1 
ATOM   369 O  OD1 . ASP A 1 47 ? -10.187 3.079   -3.310  1.00 31.92 ? 47  ASP A OD1 1 
ATOM   370 O  OD2 . ASP A 1 47 ? -11.038 5.136   -3.438  1.00 41.18 ? 47  ASP A OD2 1 
ATOM   371 N  N   . GLU A 1 48 ? -7.468  5.729   -7.239  1.00 18.05 ? 48  GLU A N   1 
ATOM   372 C  CA  . GLU A 1 48 ? -6.946  5.933   -8.568  1.00 17.88 ? 48  GLU A CA  1 
ATOM   373 C  C   . GLU A 1 48 ? -5.526  5.326   -8.678  1.00 16.74 ? 48  GLU A C   1 
ATOM   374 O  O   . GLU A 1 48 ? -5.234  4.578   -9.615  1.00 15.09 ? 48  GLU A O   1 
ATOM   375 C  CB  . GLU A 1 48 ? -6.971  7.422   -8.929  1.00 19.14 ? 48  GLU A CB  1 
ATOM   376 C  CG  . GLU A 1 48 ? -8.398  7.995   -9.197  1.00 22.06 ? 48  GLU A CG  1 
ATOM   377 C  CD  . GLU A 1 48 ? -9.275  8.242   -7.937  1.00 23.16 ? 48  GLU A CD  1 
ATOM   378 O  OE1 . GLU A 1 48 ? -8.793  8.194   -6.783  1.00 20.56 ? 48  GLU A OE1 1 
ATOM   379 O  OE2 . GLU A 1 48 ? -10.487 8.530   -8.128  1.00 26.31 ? 48  GLU A OE2 1 
ATOM   380 N  N   . LEU A 1 49 ? -4.673  5.612   -7.706  1.00 16.11 ? 49  LEU A N   1 
ATOM   381 C  CA  . LEU A 1 49 ? -3.322  5.047   -7.722  1.00 15.72 ? 49  LEU A CA  1 
ATOM   382 C  C   . LEU A 1 49 ? -3.427  3.520   -7.650  1.00 17.35 ? 49  LEU A C   1 
ATOM   383 O  O   . LEU A 1 49 ? -2.781  2.817   -8.418  1.00 18.58 ? 49  LEU A O   1 
ATOM   384 C  CB  . LEU A 1 49 ? -2.453  5.547   -6.577  1.00 13.74 ? 49  LEU A CB  1 
ATOM   385 C  CG  . LEU A 1 49 ? -1.896  6.904   -6.906  1.00 17.61 ? 49  LEU A CG  1 
ATOM   386 C  CD1 . LEU A 1 49 ? -1.380  7.517   -5.652  1.00 17.34 ? 49  LEU A CD1 1 
ATOM   387 C  CD2 . LEU A 1 49 ? -0.835  6.792   -7.934  1.00 15.66 ? 49  LEU A CD2 1 
ATOM   388 N  N   . PHE A 1 50 ? -4.281  3.008   -6.778  1.00 17.99 ? 50  PHE A N   1 
ATOM   389 C  CA  . PHE A 1 50 ? -4.418  1.569   -6.634  1.00 16.57 ? 50  PHE A CA  1 
ATOM   390 C  C   . PHE A 1 50 ? -4.849  0.929   -7.954  1.00 19.24 ? 50  PHE A C   1 
ATOM   391 O  O   . PHE A 1 50 ? -4.222  -0.051  -8.427  1.00 20.32 ? 50  PHE A O   1 
ATOM   392 C  CB  . PHE A 1 50 ? -5.380  1.209   -5.496  1.00 15.49 ? 50  PHE A CB  1 
ATOM   393 C  CG  . PHE A 1 50 ? -5.222  -0.210  -5.001  1.00 18.13 ? 50  PHE A CG  1 
ATOM   394 C  CD1 . PHE A 1 50 ? -5.783  -1.290  -5.711  1.00 16.80 ? 50  PHE A CD1 1 
ATOM   395 C  CD2 . PHE A 1 50 ? -4.419  -0.492  -3.874  1.00 19.03 ? 50  PHE A CD2 1 
ATOM   396 C  CE1 . PHE A 1 50 ? -5.526  -2.610  -5.300  1.00 16.89 ? 50  PHE A CE1 1 
ATOM   397 C  CE2 . PHE A 1 50 ? -4.163  -1.804  -3.465  1.00 14.52 ? 50  PHE A CE2 1 
ATOM   398 C  CZ  . PHE A 1 50 ? -4.716  -2.844  -4.179  1.00 14.87 ? 50  PHE A CZ  1 
ATOM   399 N  N   . GLU A 1 51 ? -5.857  1.508   -8.595  1.00 20.21 ? 51  GLU A N   1 
ATOM   400 C  CA  . GLU A 1 51 ? -6.340  0.952   -9.841  1.00 20.76 ? 51  GLU A CA  1 
ATOM   401 C  C   . GLU A 1 51 ? -5.225  0.918   -10.916 1.00 20.79 ? 51  GLU A C   1 
ATOM   402 O  O   . GLU A 1 51 ? -5.089  -0.071  -11.673 1.00 21.04 ? 51  GLU A O   1 
ATOM   403 C  CB  . GLU A 1 51 ? -7.608  1.733   -10.330 1.00 20.22 ? 51  GLU A CB  1 
ATOM   404 N  N   . GLU A 1 52 ? -4.408  1.975   -10.961 1.00 18.20 ? 52  GLU A N   1 
ATOM   405 C  CA  . GLU A 1 52 ? -3.346  2.071   -11.939 1.00 16.32 ? 52  GLU A CA  1 
ATOM   406 C  C   . GLU A 1 52 ? -2.177  1.147   -11.680 1.00 15.79 ? 52  GLU A C   1 
ATOM   407 O  O   . GLU A 1 52 ? -1.587  0.668   -12.631 1.00 17.25 ? 52  GLU A O   1 
ATOM   408 C  CB  . GLU A 1 52 ? -2.820  3.492   -11.986 1.00 18.92 ? 52  GLU A CB  1 
ATOM   409 C  CG  . GLU A 1 52 ? -3.849  4.545   -12.463 1.00 19.20 ? 52  GLU A CG  1 
ATOM   410 C  CD  . GLU A 1 52 ? -3.293  5.957   -12.445 1.00 20.10 ? 52  GLU A CD  1 
ATOM   411 O  OE1 . GLU A 1 52 ? -2.229  6.170   -11.868 1.00 18.37 ? 52  GLU A OE1 1 
ATOM   412 O  OE2 . GLU A 1 52 ? -3.928  6.862   -13.007 1.00 27.18 ? 52  GLU A OE2 1 
ATOM   413 N  N   . LEU A 1 53 ? -1.834  0.931   -10.406 1.00 15.05 ? 53  LEU A N   1 
ATOM   414 C  CA  . LEU A 1 53 ? -0.700  0.092   -9.995  1.00 16.71 ? 53  LEU A CA  1 
ATOM   415 C  C   . LEU A 1 53 ? -0.958  -1.440  -9.969  1.00 17.84 ? 53  LEU A C   1 
ATOM   416 O  O   . LEU A 1 53 ? -0.034  -2.249  -10.158 1.00 18.75 ? 53  LEU A O   1 
ATOM   417 C  CB  . LEU A 1 53 ? -0.144  0.617   -8.668  1.00 14.98 ? 53  LEU A CB  1 
ATOM   418 C  CG  . LEU A 1 53 ? 0.597   1.940   -8.771  1.00 13.39 ? 53  LEU A CG  1 
ATOM   419 C  CD1 . LEU A 1 53 ? 0.566   2.603   -7.459  1.00 16.73 ? 53  LEU A CD1 1 
ATOM   420 C  CD2 . LEU A 1 53 ? 2.041   1.697   -9.178  1.00 16.04 ? 53  LEU A CD2 1 
ATOM   421 N  N   . ASP A 1 54 ? -2.199  -1.839  -9.711  1.00 18.44 ? 54  ASP A N   1 
ATOM   422 C  CA  . ASP A 1 54 ? -2.574  -3.235  -9.708  1.00 19.76 ? 54  ASP A CA  1 
ATOM   423 C  C   . ASP A 1 54 ? -2.683  -3.604  -11.165 1.00 22.29 ? 54  ASP A C   1 
ATOM   424 O  O   . ASP A 1 54 ? -3.765  -3.817  -11.685 1.00 21.22 ? 54  ASP A O   1 
ATOM   425 C  CB  . ASP A 1 54 ? -3.925  -3.414  -9.075  1.00 17.92 ? 54  ASP A CB  1 
ATOM   426 C  CG  . ASP A 1 54 ? -4.357  -4.832  -9.084  1.00 18.14 ? 54  ASP A CG  1 
ATOM   427 O  OD1 . ASP A 1 54 ? -3.509  -5.709  -9.334  1.00 17.70 ? 54  ASP A OD1 1 
ATOM   428 O  OD2 . ASP A 1 54 ? -5.551  -5.076  -8.867  1.00 20.59 ? 54  ASP A OD2 1 
ATOM   429 N  N   . LYS A 1 55 ? -1.540  -3.772  -11.806 1.00 27.65 ? 55  LYS A N   1 
ATOM   430 C  CA  . LYS A 1 55 ? -1.544  -4.040  -13.252 1.00 31.82 ? 55  LYS A CA  1 
ATOM   431 C  C   . LYS A 1 55 ? -2.272  -5.288  -13.648 1.00 31.47 ? 55  LYS A C   1 
ATOM   432 O  O   . LYS A 1 55 ? -2.991  -5.285  -14.649 1.00 33.68 ? 55  LYS A O   1 
ATOM   433 C  CB  . LYS A 1 55 ? -0.132  -4.042  -13.883 1.00 34.44 ? 55  LYS A CB  1 
ATOM   434 C  CG  . LYS A 1 55 ? 0.331   -2.721  -14.502 1.00 38.74 ? 55  LYS A CG  1 
ATOM   435 C  CD  . LYS A 1 55 ? 0.850   -1.731  -13.462 1.00 43.79 ? 55  LYS A CD  1 
ATOM   436 C  CE  . LYS A 1 55 ? 2.184   -2.185  -12.802 1.00 48.93 ? 55  LYS A CE  1 
ATOM   437 N  NZ  . LYS A 1 55 ? 2.551   -1.387  -11.577 1.00 48.48 ? 55  LYS A NZ  1 
ATOM   438 N  N   . ASN A 1 56 ? -2.092  -6.350  -12.874 1.00 29.55 ? 56  ASN A N   1 
ATOM   439 C  CA  . ASN A 1 56 ? -2.753  -7.580  -13.211 1.00 28.67 ? 56  ASN A CA  1 
ATOM   440 C  C   . ASN A 1 56 ? -4.201  -7.621  -12.786 1.00 28.72 ? 56  ASN A C   1 
ATOM   441 O  O   . ASN A 1 56 ? -4.798  -8.678  -12.888 1.00 33.43 ? 56  ASN A O   1 
ATOM   442 C  CB  . ASN A 1 56 ? -1.990  -8.796  -12.699 1.00 25.64 ? 56  ASN A CB  1 
ATOM   443 C  CG  . ASN A 1 56 ? -1.728  -8.750  -11.207 1.00 25.36 ? 56  ASN A CG  1 
ATOM   444 O  OD1 . ASN A 1 56 ? -2.131  -7.800  -10.493 1.00 22.74 ? 56  ASN A OD1 1 
ATOM   445 N  ND2 . ASN A 1 56 ? -1.029  -9.774  -10.717 1.00 22.70 ? 56  ASN A ND2 1 
ATOM   446 N  N   . GLY A 1 57 ? -4.738  -6.522  -12.244 1.00 26.65 ? 57  GLY A N   1 
ATOM   447 C  CA  . GLY A 1 57 ? -6.146  -6.446  -11.858 1.00 23.86 ? 57  GLY A CA  1 
ATOM   448 C  C   . GLY A 1 57 ? -6.677  -7.470  -10.883 1.00 24.35 ? 57  GLY A C   1 
ATOM   449 O  O   . GLY A 1 57 ? -7.877  -7.793  -10.851 1.00 26.04 ? 57  GLY A O   1 
ATOM   450 N  N   . ASP A 1 58 ? -5.785  -7.957  -10.045 1.00 22.73 ? 58  ASP A N   1 
ATOM   451 C  CA  . ASP A 1 58 ? -6.154  -8.956  -9.064  1.00 22.76 ? 58  ASP A CA  1 
ATOM   452 C  C   . ASP A 1 58 ? -6.557  -8.467  -7.656  1.00 22.28 ? 58  ASP A C   1 
ATOM   453 O  O   . ASP A 1 58 ? -6.729  -9.293  -6.760  1.00 23.34 ? 58  ASP A O   1 
ATOM   454 C  CB  . ASP A 1 58 ? -5.046  -10.022 -8.999  1.00 24.20 ? 58  ASP A CB  1 
ATOM   455 C  CG  . ASP A 1 58 ? -3.734  -9.497  -8.412  1.00 24.68 ? 58  ASP A CG  1 
ATOM   456 O  OD1 . ASP A 1 58 ? -3.598  -8.269  -8.263  1.00 24.71 ? 58  ASP A OD1 1 
ATOM   457 O  OD2 . ASP A 1 58 ? -2.853  -10.328 -8.065  1.00 24.58 ? 58  ASP A OD2 1 
ATOM   458 N  N   . GLY A 1 59 ? -6.779  -7.141  -7.506  1.00 22.53 ? 59  GLY A N   1 
ATOM   459 C  CA  . GLY A 1 59 ? -7.139  -6.537  -6.228  1.00 18.66 ? 59  GLY A CA  1 
ATOM   460 C  C   . GLY A 1 59 ? -5.956  -6.469  -5.268  1.00 18.19 ? 59  GLY A C   1 
ATOM   461 O  O   . GLY A 1 59 ? -6.093  -6.122  -4.114  1.00 19.95 ? 59  GLY A O   1 
ATOM   462 N  N   . GLU A 1 60 ? -4.773  -6.827  -5.725  1.00 18.51 ? 60  GLU A N   1 
ATOM   463 C  CA  . GLU A 1 60 ? -3.599  -6.756  -4.863  1.00 17.58 ? 60  GLU A CA  1 
ATOM   464 C  C   . GLU A 1 60 ? -2.360  -6.123  -5.542  1.00 16.02 ? 60  GLU A C   1 
ATOM   465 O  O   . GLU A 1 60 ? -2.185  -6.197  -6.803  1.00 15.06 ? 60  GLU A O   1 
ATOM   466 C  CB  . GLU A 1 60 ? -3.252  -8.148  -4.354  1.00 19.83 ? 60  GLU A CB  1 
ATOM   467 C  CG  . GLU A 1 60 ? -4.434  -8.858  -3.738  1.00 24.60 ? 60  GLU A CG  1 
ATOM   468 C  CD  . GLU A 1 60 ? -4.065  -10.191 -3.163  1.00 29.41 ? 60  GLU A CD  1 
ATOM   469 O  OE1 . GLU A 1 60 ? -3.315  -10.957 -3.833  1.00 31.88 ? 60  GLU A OE1 1 
ATOM   470 O  OE2 . GLU A 1 60 ? -4.506  -10.459 -2.033  1.00 34.29 ? 60  GLU A OE2 1 
ATOM   471 N  N   . VAL A 1 61 ? -1.521  -5.498  -4.709  1.00 16.33 ? 61  VAL A N   1 
ATOM   472 C  CA  . VAL A 1 61 ? -0.264  -4.878  -5.162  1.00 14.40 ? 61  VAL A CA  1 
ATOM   473 C  C   . VAL A 1 61 ? 1.018   -5.531  -4.534  1.00 13.70 ? 61  VAL A C   1 
ATOM   474 O  O   . VAL A 1 61 ? 1.028   -6.006  -3.409  1.00 11.77 ? 61  VAL A O   1 
ATOM   475 C  CB  . VAL A 1 61 ? -0.291  -3.349  -4.928  1.00 11.98 ? 61  VAL A CB  1 
ATOM   476 C  CG1 . VAL A 1 61 ? -1.340  -2.744  -5.818  1.00 12.30 ? 61  VAL A CG1 1 
ATOM   477 C  CG2 . VAL A 1 61 ? -0.499  -3.039  -3.452  1.00 9.99  ? 61  VAL A CG2 1 
ATOM   478 N  N   . SER A 1 62 ? 2.089   -5.575  -5.309  1.00 14.14 ? 62  SER A N   1 
ATOM   479 C  CA  . SER A 1 62 ? 3.375   -6.114  -4.848  1.00 15.59 ? 62  SER A CA  1 
ATOM   480 C  C   . SER A 1 62 ? 4.108   -5.026  -3.995  1.00 14.85 ? 62  SER A C   1 
ATOM   481 O  O   . SER A 1 62 ? 3.655   -3.868  -3.880  1.00 13.87 ? 62  SER A O   1 
ATOM   482 C  CB  . SER A 1 62 ? 4.219   -6.435  -6.077  1.00 14.93 ? 62  SER A CB  1 
ATOM   483 O  OG  . SER A 1 62 ? 4.440   -5.241  -6.823  1.00 14.37 ? 62  SER A OG  1 
ATOM   484 N  N   . PHE A 1 63 ? 5.249   -5.375  -3.435  1.00 12.99 ? 63  PHE A N   1 
ATOM   485 C  CA  . PHE A 1 63 ? 6.015   -4.431  -2.645  1.00 13.34 ? 63  PHE A CA  1 
ATOM   486 C  C   . PHE A 1 63 ? 6.445   -3.180  -3.467  1.00 13.57 ? 63  PHE A C   1 
ATOM   487 O  O   . PHE A 1 63 ? 6.322   -2.055  -2.984  1.00 14.50 ? 63  PHE A O   1 
ATOM   488 C  CB  . PHE A 1 63 ? 7.242   -5.116  -2.027  1.00 11.59 ? 63  PHE A CB  1 
ATOM   489 C  CG  . PHE A 1 63 ? 8.163   -4.154  -1.370  1.00 11.42 ? 63  PHE A CG  1 
ATOM   490 C  CD1 . PHE A 1 63 ? 7.717   -3.359  -0.326  1.00 10.30 ? 63  PHE A CD1 1 
ATOM   491 C  CD2 . PHE A 1 63 ? 9.479   -4.006  -1.831  1.00 15.78 ? 63  PHE A CD2 1 
ATOM   492 C  CE1 . PHE A 1 63 ? 8.549   -2.409  0.269   1.00 14.29 ? 63  PHE A CE1 1 
ATOM   493 C  CE2 . PHE A 1 63 ? 10.346  -3.059  -1.254  1.00 15.11 ? 63  PHE A CE2 1 
ATOM   494 C  CZ  . PHE A 1 63 ? 9.881   -2.253  -0.195  1.00 16.50 ? 63  PHE A CZ  1 
ATOM   495 N  N   . GLU A 1 64 ? 6.928   -3.365  -4.703  1.00 12.10 ? 64  GLU A N   1 
ATOM   496 C  CA  . GLU A 1 64 ? 7.387   -2.251  -5.545  1.00 13.95 ? 64  GLU A CA  1 
ATOM   497 C  C   . GLU A 1 64 ? 6.208   -1.319  -5.910  1.00 12.94 ? 64  GLU A C   1 
ATOM   498 O  O   . GLU A 1 64 ? 6.368   -0.096  -5.962  1.00 13.61 ? 64  GLU A O   1 
ATOM   499 C  CB  . GLU A 1 64 ? 8.106   -2.759  -6.804  1.00 15.42 ? 64  GLU A CB  1 
ATOM   500 C  CG  . GLU A 1 64 ? 9.407   -3.511  -6.483  1.00 16.63 ? 64  GLU A CG  1 
ATOM   501 C  CD  . GLU A 1 64 ? 9.156   -4.969  -6.074  1.00 20.19 ? 64  GLU A CD  1 
ATOM   502 O  OE1 . GLU A 1 64 ? 8.046   -5.513  -6.256  1.00 17.93 ? 64  GLU A OE1 1 
ATOM   503 O  OE2 . GLU A 1 64 ? 10.081  -5.609  -5.552  1.00 21.21 ? 64  GLU A OE2 1 
ATOM   504 N  N   . GLU A 1 65 ? 5.016   -1.902  -6.075  1.00 12.16 ? 65  GLU A N   1 
ATOM   505 C  CA  . GLU A 1 65 ? 3.803   -1.152  -6.391  1.00 13.11 ? 65  GLU A CA  1 
ATOM   506 C  C   . GLU A 1 65 ? 3.386   -0.332  -5.191  1.00 12.86 ? 65  GLU A C   1 
ATOM   507 O  O   . GLU A 1 65 ? 3.027   0.833   -5.327  1.00 13.06 ? 65  GLU A O   1 
ATOM   508 C  CB  . GLU A 1 65 ? 2.715   -2.107  -6.859  1.00 11.68 ? 65  GLU A CB  1 
ATOM   509 C  CG  . GLU A 1 65 ? 2.963   -2.505  -8.315  1.00 11.71 ? 65  GLU A CG  1 
ATOM   510 C  CD  . GLU A 1 65 ? 2.239   -3.782  -8.774  1.00 15.73 ? 65  GLU A CD  1 
ATOM   511 O  OE1 . GLU A 1 65 ? 1.402   -4.374  -8.041  1.00 17.01 ? 65  GLU A OE1 1 
ATOM   512 O  OE2 . GLU A 1 65 ? 2.506   -4.182  -9.919  1.00 16.68 ? 65  GLU A OE2 1 
ATOM   513 N  N   . PHE A 1 66 ? 3.539   -0.904  -4.000  1.00 13.42 ? 66  PHE A N   1 
ATOM   514 C  CA  . PHE A 1 66 ? 3.234   -0.225  -2.761  1.00 11.40 ? 66  PHE A CA  1 
ATOM   515 C  C   . PHE A 1 66 ? 4.225   0.967   -2.568  1.00 13.19 ? 66  PHE A C   1 
ATOM   516 O  O   . PHE A 1 66 ? 3.834   2.084   -2.165  1.00 12.48 ? 66  PHE A O   1 
ATOM   517 C  CB  . PHE A 1 66 ? 3.270   -1.258  -1.632  1.00 12.08 ? 66  PHE A CB  1 
ATOM   518 C  CG  . PHE A 1 66 ? 3.494   -0.681  -0.273  1.00 14.98 ? 66  PHE A CG  1 
ATOM   519 C  CD1 . PHE A 1 66 ? 2.455   -0.003  0.380   1.00 13.35 ? 66  PHE A CD1 1 
ATOM   520 C  CD2 . PHE A 1 66 ? 4.740   -0.814  0.364   1.00 12.49 ? 66  PHE A CD2 1 
ATOM   521 C  CE1 . PHE A 1 66 ? 2.633   0.523   1.629   1.00 13.82 ? 66  PHE A CE1 1 
ATOM   522 C  CE2 . PHE A 1 66 ? 4.931   -0.298  1.604   1.00 13.24 ? 66  PHE A CE2 1 
ATOM   523 C  CZ  . PHE A 1 66 ? 3.878   0.378   2.254   1.00 14.98 ? 66  PHE A CZ  1 
ATOM   524 N  N   . GLN A 1 67 ? 5.492   0.765   -2.898  1.00 12.15 ? 67  GLN A N   1 
ATOM   525 C  CA  . GLN A 1 67 ? 6.461   1.837   -2.724  1.00 13.84 ? 67  GLN A CA  1 
ATOM   526 C  C   . GLN A 1 67 ? 6.081   3.019   -3.598  1.00 12.56 ? 67  GLN A C   1 
ATOM   527 O  O   . GLN A 1 67 ? 6.099   4.155   -3.127  1.00 13.70 ? 67  GLN A O   1 
ATOM   528 C  CB  . GLN A 1 67 ? 7.881   1.421   -3.119  1.00 18.37 ? 67  GLN A CB  1 
ATOM   529 C  CG  . GLN A 1 67 ? 8.661   0.599   -2.107  1.00 25.11 ? 67  GLN A CG  1 
ATOM   530 C  CD  . GLN A 1 67 ? 10.047  0.202   -2.644  1.00 26.68 ? 67  GLN A CD  1 
ATOM   531 O  OE1 . GLN A 1 67 ? 10.185  -0.792  -3.382  1.00 28.59 ? 67  GLN A OE1 1 
ATOM   532 N  NE2 . GLN A 1 67 ? 11.057  0.990   -2.301  1.00 26.14 ? 67  GLN A NE2 1 
ATOM   533 N  N   . VAL A 1 68 ? 5.792   2.768   -4.865  1.00 12.38 ? 68  VAL A N   1 
ATOM   534 C  CA  . VAL A 1 68 ? 5.409   3.837   -5.749  1.00 13.07 ? 68  VAL A CA  1 
ATOM   535 C  C   . VAL A 1 68 ? 4.165   4.538   -5.218  1.00 13.30 ? 68  VAL A C   1 
ATOM   536 O  O   . VAL A 1 68 ? 4.069   5.740   -5.261  1.00 13.42 ? 68  VAL A O   1 
ATOM   537 C  CB  . VAL A 1 68 ? 5.189   3.326   -7.213  1.00 16.25 ? 68  VAL A CB  1 
ATOM   538 C  CG1 . VAL A 1 68 ? 4.636   4.432   -8.101  1.00 16.99 ? 68  VAL A CG1 1 
ATOM   539 C  CG2 . VAL A 1 68 ? 6.540   2.817   -7.819  1.00 18.07 ? 68  VAL A CG2 1 
ATOM   540 N  N   . LEU A 1 69 ? 3.198   3.758   -4.747  1.00 12.89 ? 69  LEU A N   1 
ATOM   541 C  CA  . LEU A 1 69 ? 1.965   4.283   -4.198  1.00 14.22 ? 69  LEU A CA  1 
ATOM   542 C  C   . LEU A 1 69 ? 2.228   5.298   -3.051  1.00 15.73 ? 69  LEU A C   1 
ATOM   543 O  O   . LEU A 1 69 ? 1.653   6.407   -3.060  1.00 14.88 ? 69  LEU A O   1 
ATOM   544 C  CB  . LEU A 1 69 ? 0.985   3.135   -3.765  1.00 12.78 ? 69  LEU A CB  1 
ATOM   545 C  CG  . LEU A 1 69 ? -0.489  3.568   -3.461  1.00 17.67 ? 69  LEU A CG  1 
ATOM   546 C  CD1 . LEU A 1 69 ? -1.525  2.438   -3.724  1.00 18.35 ? 69  LEU A CD1 1 
ATOM   547 C  CD2 . LEU A 1 69 ? -0.635  4.071   -2.072  1.00 17.61 ? 69  LEU A CD2 1 
ATOM   548 N  N   . VAL A 1 70 ? 3.069   4.918   -2.072  1.00 15.89 ? 70  VAL A N   1 
ATOM   549 C  CA  . VAL A 1 70 ? 3.397   5.776   -0.922  1.00 17.02 ? 70  VAL A CA  1 
ATOM   550 C  C   . VAL A 1 70 ? 4.089   7.044   -1.403  1.00 17.53 ? 70  VAL A C   1 
ATOM   551 O  O   . VAL A 1 70 ? 3.821   8.123   -0.893  1.00 17.93 ? 70  VAL A O   1 
ATOM   552 C  CB  . VAL A 1 70 ? 4.317   5.037   0.101   1.00 16.85 ? 70  VAL A CB  1 
ATOM   553 C  CG1 . VAL A 1 70 ? 4.815   5.984   1.150   1.00 15.78 ? 70  VAL A CG1 1 
ATOM   554 C  CG2 . VAL A 1 70 ? 3.554   3.910   0.717   1.00 19.31 ? 70  VAL A CG2 1 
ATOM   555 N  N   . LYS A 1 71 ? 4.975   6.886   -2.377  1.00 16.81 ? 71  LYS A N   1 
ATOM   556 C  CA  . LYS A 1 71 ? 5.709   7.987   -2.955  1.00 21.18 ? 71  LYS A CA  1 
ATOM   557 C  C   . LYS A 1 71 ? 4.724   8.983   -3.579  1.00 21.89 ? 71  LYS A C   1 
ATOM   558 O  O   . LYS A 1 71 ? 4.696   10.166  -3.230  1.00 23.65 ? 71  LYS A O   1 
ATOM   559 C  CB  . LYS A 1 71 ? 6.582   7.486   -4.095  1.00 24.13 ? 71  LYS A CB  1 
ATOM   560 C  CG  . LYS A 1 71 ? 8.012   7.105   -3.780  1.00 34.07 ? 71  LYS A CG  1 
ATOM   561 C  CD  . LYS A 1 71 ? 8.718   6.384   -5.031  1.00 39.14 ? 71  LYS A CD  1 
ATOM   562 C  CE  . LYS A 1 71 ? 8.478   7.093   -6.445  1.00 42.89 ? 71  LYS A CE  1 
ATOM   563 N  NZ  . LYS A 1 71 ? 9.165   6.481   -7.689  1.00 43.26 ? 71  LYS A NZ  1 
ATOM   564 N  N   . LYS A 1 72 ? 3.917   8.502   -4.512  1.00 20.12 ? 72  LYS A N   1 
ATOM   565 C  CA  . LYS A 1 72 ? 2.973   9.343   -5.201  1.00 21.28 ? 72  LYS A CA  1 
ATOM   566 C  C   . LYS A 1 72 ? 1.852   9.958   -4.359  1.00 23.58 ? 72  LYS A C   1 
ATOM   567 O  O   . LYS A 1 72 ? 1.599   11.158  -4.443  1.00 24.16 ? 72  LYS A O   1 
ATOM   568 C  CB  . LYS A 1 72 ? 2.462   8.596   -6.410  1.00 23.14 ? 72  LYS A CB  1 
ATOM   569 C  CG  . LYS A 1 72 ? 3.646   8.336   -7.356  1.00 27.15 ? 72  LYS A CG  1 
ATOM   570 C  CD  . LYS A 1 72 ? 3.256   8.299   -8.825  1.00 33.85 ? 72  LYS A CD  1 
ATOM   571 C  CE  . LYS A 1 72 ? 4.240   9.072   -9.749  1.00 37.09 ? 72  LYS A CE  1 
ATOM   572 N  NZ  . LYS A 1 72 ? 4.165   10.607  -9.697  1.00 43.06 ? 72  LYS A NZ  1 
ATOM   573 N  N   . ILE A 1 73 ? 1.227   9.177   -3.489  1.00 22.15 ? 73  ILE A N   1 
ATOM   574 C  CA  . ILE A 1 73 ? 0.154   9.718   -2.684  1.00 22.60 ? 73  ILE A CA  1 
ATOM   575 C  C   . ILE A 1 73 ? 0.678   10.858  -1.753  1.00 24.39 ? 73  ILE A C   1 
ATOM   576 O  O   . ILE A 1 73 ? -0.099  11.706  -1.269  1.00 24.19 ? 73  ILE A O   1 
ATOM   577 C  CB  . ILE A 1 73 ? -0.609  8.545   -1.945  1.00 21.46 ? 73  ILE A CB  1 
ATOM   578 C  CG1 . ILE A 1 73 ? -2.089  8.903   -1.714  1.00 22.84 ? 73  ILE A CG1 1 
ATOM   579 C  CG2 . ILE A 1 73 ? 0.065   8.197   -0.623  1.00 20.32 ? 73  ILE A CG2 1 
ATOM   580 C  CD1 . ILE A 1 73 ? -2.975  7.718   -1.315  1.00 24.43 ? 73  ILE A CD1 1 
ATOM   581 N  N   . SER A 1 74 ? 1.998   10.939  -1.617  1.00 27.06 ? 74  SER A N   1 
ATOM   582 C  CA  . SER A 1 74 ? 2.667   11.920  -0.756  1.00 30.71 ? 74  SER A CA  1 
ATOM   583 C  C   . SER A 1 74 ? 2.873   13.261  -1.349  1.00 33.13 ? 74  SER A C   1 
ATOM   584 O  O   . SER A 1 74 ? 3.163   14.196  -0.608  1.00 34.67 ? 74  SER A O   1 
ATOM   585 C  CB  . SER A 1 74 ? 4.068   11.477  -0.402  1.00 27.77 ? 74  SER A CB  1 
ATOM   586 O  OG  . SER A 1 74 ? 4.037   10.421  0.522   1.00 35.82 ? 74  SER A OG  1 
ATOM   587 N  N   . GLN A 1 75 ? 2.728   13.386  -2.666  1.00 34.66 ? 75  GLN A N   1 
ATOM   588 C  CA  . GLN A 1 75 ? 3.027   14.679  -3.315  1.00 38.42 ? 75  GLN A CA  1 
ATOM   589 C  C   . GLN A 1 75 ? 1.951   15.353  -4.183  1.00 35.58 ? 75  GLN A C   1 
ATOM   590 O  O   . GLN A 1 75 ? 1.854   16.596  -4.144  1.00 32.42 ? 75  GLN A O   1 
ATOM   591 C  CB  . GLN A 1 75 ? 4.315   14.496  -4.121  1.00 42.11 ? 75  GLN A CB  1 
ATOM   592 C  CG  . GLN A 1 75 ? 4.380   13.092  -4.671  1.00 50.57 ? 75  GLN A CG  1 
ATOM   593 C  CD  . GLN A 1 75 ? 5.619   12.812  -5.469  1.00 55.44 ? 75  GLN A CD  1 
ATOM   594 O  OE1 . GLN A 1 75 ? 5.534   12.455  -6.663  1.00 59.02 ? 75  GLN A OE1 1 
ATOM   595 N  NE2 . GLN A 1 75 ? 6.792   12.947  -4.821  1.00 57.14 ? 75  GLN A NE2 1 
ATOM   596 O  OXT . GLN A 1 75 ? 1.245   14.624  -4.911  1.00 25.49 ? 75  GLN A OXT 1 
HETATM 597 MG MG  . MG  B 2 .  ? -2.008  -6.942  -8.640  1.00 20.35 ? 78  MG  A MG  1 
HETATM 598 O  O   . HOH C 3 .  ? 4.067   -11.190 4.485   1.00 23.19 ? 100 HOH A O   1 
HETATM 599 O  O   . HOH C 3 .  ? 4.293   8.298   8.443   1.00 24.55 ? 101 HOH A O   1 
HETATM 600 O  O   . HOH C 3 .  ? -4.363  -1.818  12.114  1.00 48.89 ? 102 HOH A O   1 
HETATM 601 O  O   . HOH C 3 .  ? -9.867  14.131  5.652   1.00 59.71 ? 103 HOH A O   1 
HETATM 602 O  O   . HOH C 3 .  ? 0.073   8.723   -14.136 1.00 29.36 ? 104 HOH A O   1 
HETATM 603 O  O   . HOH C 3 .  ? 0.155   -13.996 4.066   1.00 26.08 ? 105 HOH A O   1 
HETATM 604 O  O   . HOH C 3 .  ? -12.484 11.327  -0.466  1.00 26.42 ? 106 HOH A O   1 
HETATM 605 O  O   . HOH C 3 .  ? 10.351  3.483   -2.066  1.00 49.86 ? 107 HOH A O   1 
HETATM 606 O  O   . HOH C 3 .  ? 13.617  -4.856  5.703   1.00 28.39 ? 108 HOH A O   1 
HETATM 607 O  O   . HOH C 3 .  ? 5.948   -8.145  -3.328  1.00 17.53 ? 109 HOH A O   1 
HETATM 608 O  O   . HOH C 3 .  ? -0.462  -5.827  -9.113  1.00 20.06 ? 110 HOH A O   1 
HETATM 609 O  O   . HOH C 3 .  ? -8.665  -4.635  -3.113  1.00 50.11 ? 111 HOH A O   1 
HETATM 610 O  O   . HOH C 3 .  ? -0.764  -8.483  -7.954  1.00 20.59 ? 112 HOH A O   1 
HETATM 611 O  O   . HOH C 3 .  ? 2.420   3.926   14.017  1.00 28.99 ? 113 HOH A O   1 
HETATM 612 O  O   . HOH C 3 .  ? 6.536   -5.739  -8.565  1.00 24.48 ? 114 HOH A O   1 
HETATM 613 O  O   . HOH C 3 .  ? 5.403   -3.874  -11.062 1.00 33.69 ? 115 HOH A O   1 
HETATM 614 O  O   . HOH C 3 .  ? 2.615   12.704  -7.827  1.00 48.66 ? 116 HOH A O   1 
HETATM 615 O  O   . HOH C 3 .  ? -8.836  1.243   -6.649  1.00 41.96 ? 117 HOH A O   1 
HETATM 616 O  O   . HOH C 3 .  ? -7.631  -3.032  -8.776  1.00 42.67 ? 118 HOH A O   1 
HETATM 617 O  O   . HOH C 3 .  ? 5.287   4.095   10.565  1.00 30.70 ? 119 HOH A O   1 
HETATM 618 O  O   . HOH C 3 .  ? 9.269   1.759   10.563  1.00 61.03 ? 120 HOH A O   1 
HETATM 619 O  O   . HOH C 3 .  ? 6.760   -10.114 1.327   1.00 55.82 ? 121 HOH A O   1 
HETATM 620 O  O   . HOH C 3 .  ? 6.702   -8.137  -5.800  1.00 64.54 ? 122 HOH A O   1 
HETATM 621 O  O   . HOH C 3 .  ? 7.918   -9.201  -1.401  1.00 36.66 ? 123 HOH A O   1 
HETATM 622 O  O   . HOH C 3 .  ? 6.506   6.912   -10.056 1.00 58.33 ? 124 HOH A O   1 
HETATM 623 O  O   . HOH C 3 .  ? 13.741  -3.081  0.139   1.00 55.49 ? 125 HOH A O   1 
HETATM 624 O  O   . HOH C 3 .  ? -6.000  -11.668 0.079   1.00 46.91 ? 126 HOH A O   1 
HETATM 625 O  O   . HOH C 3 .  ? -7.975  -8.107  2.255   1.00 39.44 ? 127 HOH A O   1 
HETATM 626 O  O   . HOH C 3 .  ? 1.847   10.136  8.751   1.00 22.95 ? 128 HOH A O   1 
HETATM 627 O  O   . HOH C 3 .  ? -6.037  -16.359 3.776   1.00 41.22 ? 129 HOH A O   1 
HETATM 628 O  O   . HOH C 3 .  ? -5.115  2.543   14.078  1.00 57.79 ? 130 HOH A O   1 
HETATM 629 O  O   . HOH C 3 .  ? 18.094  2.390   2.241   1.00 49.23 ? 131 HOH A O   1 
HETATM 630 O  O   . HOH C 3 .  ? -6.088  14.132  13.410  1.00 46.64 ? 132 HOH A O   1 
HETATM 631 O  O   . HOH C 3 .  ? -1.810  6.752   -15.716 1.00 44.88 ? 133 HOH A O   1 
HETATM 632 O  O   . HOH C 3 .  ? 11.612  5.294   0.315   1.00 47.66 ? 134 HOH A O   1 
HETATM 633 O  O   . HOH C 3 .  ? 12.504  -6.315  7.616   1.00 52.87 ? 135 HOH A O   1 
HETATM 634 O  O   . HOH C 3 .  ? 6.461   -9.389  10.819  1.00 44.93 ? 136 HOH A O   1 
HETATM 635 O  O   . HOH C 3 .  ? 1.467   -9.504  10.878  1.00 67.93 ? 137 HOH A O   1 
HETATM 636 O  O   . HOH C 3 .  ? -1.429  -2.690  13.150  1.00 59.47 ? 138 HOH A O   1 
HETATM 637 O  O   . HOH C 3 .  ? -1.929  -10.637 1.444   1.00 27.29 ? 139 HOH A O   1 
HETATM 638 O  O   . HOH C 3 .  ? -4.270  -13.666 -1.596  1.00 74.33 ? 140 HOH A O   1 
HETATM 639 O  O   . HOH C 3 .  ? -12.208 -2.537  -1.885  1.00 58.79 ? 141 HOH A O   1 
HETATM 640 O  O   . HOH C 3 .  ? -6.394  -2.570  -11.975 1.00 47.16 ? 142 HOH A O   1 
HETATM 641 O  O   . HOH C 3 .  ? 8.268   5.010   -0.856  1.00 50.77 ? 143 HOH A O   1 
HETATM 642 O  O   . HOH C 3 .  ? 7.636   7.404   3.602   1.00 50.50 ? 144 HOH A O   1 
HETATM 643 O  O   . HOH C 3 .  ? -5.674  -7.152  7.076   1.00 68.44 ? 145 HOH A O   1 
HETATM 644 O  O   . HOH C 3 .  ? 3.496   -12.975 -5.262  1.00 46.14 ? 146 HOH A O   1 
HETATM 645 O  O   . HOH C 3 .  ? -11.125 4.042   -0.523  1.00 69.08 ? 147 HOH A O   1 
HETATM 646 O  O   . HOH C 3 .  ? -5.205  14.026  -1.065  1.00 68.67 ? 148 HOH A O   1 
HETATM 647 O  O   . HOH C 3 .  ? 8.595   7.328   0.730   1.00 50.51 ? 149 HOH A O   1 
# 
